data_3UYW
#
_entry.id   3UYW
#
_cell.length_a   38.670
_cell.length_b   65.916
_cell.length_c   79.485
_cell.angle_alpha   94.46
_cell.angle_beta   89.97
_cell.angle_gamma   94.88
#
_symmetry.space_group_name_H-M   'P 1'
#
loop_
_entity.id
_entity.type
_entity.pdbx_description
1 polymer Hemagglutinin
2 non-polymer '2-AMINOETHANESULFONIC ACID'
3 water water
#
_entity_poly.entity_id   1
_entity_poly.type   'polypeptide(L)'
_entity_poly.pdbx_seq_one_letter_code
;APLHLGKCNIAGWILGNPECESLSTASSWSYIVETPSSDNGTCYPGDFIDYEELREQLSSVSSFERFEIFPKTSSWPNHD
SNKGVTAACPHAGAKSFYKNLIWLVKKGNSYPKLSKSYINDKGKEVLVLWGIHHPSTSADQQSLYQNADTYVFVGSSRYS
KKFKPEIAIRPKVRDQEGRMNYYWTLVEPGDKITFEATGNLVVPRYAFAMERNA
;
_entity_poly.pdbx_strand_id   A,B,C,D
#
loop_
_chem_comp.id
_chem_comp.type
_chem_comp.name
_chem_comp.formula
TAU non-polymer '2-AMINOETHANESULFONIC ACID' 'C2 H7 N O3 S'
#
# COMPACT_ATOMS: atom_id res chain seq x y z
N ALA A 1 -4.61 -32.65 -38.17
CA ALA A 1 -5.54 -33.32 -37.27
C ALA A 1 -5.80 -32.51 -35.98
N PRO A 2 -6.89 -32.75 -35.27
CA PRO A 2 -7.28 -31.88 -34.16
C PRO A 2 -6.58 -32.18 -32.86
N LEU A 3 -6.59 -31.22 -31.97
CA LEU A 3 -6.14 -31.42 -30.64
C LEU A 3 -7.33 -31.91 -29.84
N HIS A 4 -7.25 -33.13 -29.42
CA HIS A 4 -8.27 -33.70 -28.55
C HIS A 4 -7.90 -33.48 -27.08
N LEU A 5 -8.70 -32.73 -26.34
CA LEU A 5 -8.47 -32.44 -24.93
C LEU A 5 -9.09 -33.43 -23.96
N GLY A 6 -9.71 -34.47 -24.48
CA GLY A 6 -10.27 -35.48 -23.65
C GLY A 6 -11.38 -34.90 -22.83
N LYS A 7 -11.29 -35.01 -21.53
CA LYS A 7 -12.35 -34.52 -20.68
C LYS A 7 -12.25 -33.09 -20.17
N CYS A 8 -11.33 -32.31 -20.68
CA CYS A 8 -11.21 -30.94 -20.26
C CYS A 8 -11.61 -30.02 -21.41
N ASN A 9 -11.86 -28.76 -21.10
CA ASN A 9 -12.02 -27.69 -22.08
C ASN A 9 -10.70 -26.93 -22.19
N ILE A 10 -10.68 -25.91 -23.04
CA ILE A 10 -9.46 -25.15 -23.26
C ILE A 10 -8.91 -24.53 -21.97
N ALA A 11 -9.81 -23.98 -21.15
CA ALA A 11 -9.41 -23.37 -19.88
C ALA A 11 -8.64 -24.34 -18.98
N GLY A 12 -9.20 -25.53 -18.77
CA GLY A 12 -8.57 -26.52 -17.93
C GLY A 12 -7.23 -26.99 -18.50
N TRP A 13 -7.20 -27.17 -19.81
CA TRP A 13 -5.98 -27.63 -20.48
C TRP A 13 -4.86 -26.59 -20.42
N ILE A 14 -5.17 -25.36 -20.77
CA ILE A 14 -4.16 -24.32 -20.86
C ILE A 14 -3.63 -23.89 -19.48
N LEU A 15 -4.48 -23.97 -18.46
CA LEU A 15 -4.06 -23.65 -17.10
C LEU A 15 -3.33 -24.84 -16.44
N GLY A 16 -3.60 -26.04 -16.93
CA GLY A 16 -3.02 -27.25 -16.36
C GLY A 16 -3.81 -27.77 -15.17
N ASN A 17 -5.13 -27.66 -15.25
CA ASN A 17 -5.99 -28.26 -14.23
C ASN A 17 -5.54 -29.71 -14.05
N PRO A 18 -5.34 -30.14 -12.80
CA PRO A 18 -4.78 -31.47 -12.53
C PRO A 18 -5.57 -32.61 -13.18
N GLU A 19 -6.85 -32.37 -13.48
CA GLU A 19 -7.69 -33.39 -14.10
C GLU A 19 -7.37 -33.57 -15.58
N CYS A 20 -6.72 -32.57 -16.17
CA CYS A 20 -6.37 -32.62 -17.58
C CYS A 20 -4.94 -33.06 -17.75
N GLU A 21 -4.70 -33.94 -18.70
CA GLU A 21 -3.34 -34.33 -19.03
C GLU A 21 -2.64 -33.12 -19.62
N SER A 22 -1.41 -32.88 -19.17
CA SER A 22 -0.63 -31.75 -19.69
C SER A 22 -0.59 -31.80 -21.21
N LEU A 23 -0.92 -32.97 -21.75
CA LEU A 23 -1.01 -33.18 -23.20
C LEU A 23 0.02 -32.51 -24.09
N SER A 24 1.27 -32.53 -23.65
CA SER A 24 2.36 -31.99 -24.45
C SER A 24 2.82 -32.90 -25.58
N THR A 25 1.92 -33.19 -26.51
CA THR A 25 2.25 -34.12 -27.59
C THR A 25 2.04 -33.53 -28.99
N ALA A 26 0.84 -33.02 -29.26
CA ALA A 26 0.55 -32.42 -30.56
C ALA A 26 1.14 -31.02 -30.62
N SER A 27 1.93 -30.75 -31.65
CA SER A 27 2.58 -29.44 -31.78
C SER A 27 1.89 -28.58 -32.82
N SER A 28 0.92 -29.17 -33.53
CA SER A 28 0.12 -28.42 -34.48
C SER A 28 -1.25 -29.05 -34.61
N TRP A 29 -2.25 -28.23 -34.92
CA TRP A 29 -3.61 -28.72 -35.08
C TRP A 29 -4.44 -27.70 -35.85
N SER A 30 -5.57 -28.16 -36.39
CA SER A 30 -6.43 -27.31 -37.20
C SER A 30 -7.62 -26.76 -36.40
N TYR A 31 -8.00 -27.53 -35.38
CA TYR A 31 -9.08 -27.20 -34.47
C TYR A 31 -9.01 -27.94 -33.14
N ILE A 32 -9.71 -27.46 -32.13
CA ILE A 32 -9.67 -28.11 -30.84
C ILE A 32 -11.01 -28.76 -30.49
N VAL A 33 -10.94 -30.01 -30.10
CA VAL A 33 -12.05 -30.83 -29.63
C VAL A 33 -12.21 -30.76 -28.07
N GLU A 34 -13.19 -30.00 -27.56
CA GLU A 34 -13.27 -29.83 -26.10
C GLU A 34 -14.34 -30.72 -25.51
N THR A 35 -14.24 -30.98 -24.22
CA THR A 35 -15.33 -31.58 -23.42
C THR A 35 -15.66 -30.93 -22.05
N PRO A 36 -16.88 -31.12 -21.52
CA PRO A 36 -17.40 -30.43 -20.32
C PRO A 36 -17.38 -31.31 -19.09
N SER A 37 -17.62 -30.62 -17.98
CA SER A 37 -16.80 -30.61 -16.81
C SER A 37 -17.43 -29.75 -15.75
N SER A 38 -17.59 -30.26 -14.54
CA SER A 38 -18.23 -29.43 -13.53
C SER A 38 -17.35 -28.22 -13.41
N ASP A 39 -16.09 -28.52 -13.09
CA ASP A 39 -15.01 -27.54 -12.98
C ASP A 39 -13.91 -27.75 -14.02
N ASN A 40 -13.36 -28.96 -14.14
CA ASN A 40 -12.24 -29.15 -15.06
C ASN A 40 -12.05 -28.10 -16.19
N GLY A 41 -12.51 -26.82 -16.05
CA GLY A 41 -11.65 -25.74 -16.47
C GLY A 41 -11.00 -25.11 -15.25
N THR A 42 -11.77 -24.28 -14.58
CA THR A 42 -11.26 -23.50 -13.47
C THR A 42 -11.67 -24.12 -12.14
N CYS A 43 -10.86 -25.06 -11.65
CA CYS A 43 -11.16 -25.72 -10.38
C CYS A 43 -11.28 -24.72 -9.23
N TYR A 44 -10.42 -23.71 -9.22
CA TYR A 44 -10.62 -22.62 -8.28
C TYR A 44 -11.53 -21.58 -8.95
N PRO A 45 -12.71 -21.35 -8.36
CA PRO A 45 -13.75 -20.53 -9.00
C PRO A 45 -13.29 -19.12 -9.31
N GLY A 46 -13.77 -18.57 -10.42
CA GLY A 46 -13.40 -17.23 -10.83
C GLY A 46 -13.68 -17.06 -12.31
N ASP A 47 -13.29 -15.92 -12.86
CA ASP A 47 -13.58 -15.63 -14.26
C ASP A 47 -12.31 -15.71 -15.11
N PHE A 48 -12.39 -16.45 -16.20
CA PHE A 48 -11.31 -16.50 -17.18
C PHE A 48 -11.51 -15.32 -18.13
N ILE A 49 -10.55 -14.41 -18.14
CA ILE A 49 -10.71 -13.15 -18.86
C ILE A 49 -10.25 -13.29 -20.31
N ASP A 50 -10.91 -12.58 -21.22
CA ASP A 50 -10.59 -12.65 -22.64
C ASP A 50 -10.62 -14.09 -23.14
N TYR A 51 -11.55 -14.88 -22.63
CA TYR A 51 -11.56 -16.31 -22.89
C TYR A 51 -11.89 -16.68 -24.33
N GLU A 52 -12.96 -16.08 -24.88
CA GLU A 52 -13.30 -16.37 -26.26
C GLU A 52 -12.17 -16.01 -27.22
N GLU A 53 -11.51 -14.89 -26.96
CA GLU A 53 -10.37 -14.48 -27.79
C GLU A 53 -9.25 -15.52 -27.73
N LEU A 54 -9.02 -16.07 -26.55
CA LEU A 54 -8.00 -17.10 -26.35
C LEU A 54 -8.33 -18.35 -27.16
N ARG A 55 -9.59 -18.78 -27.09
CA ARG A 55 -10.02 -19.97 -27.81
C ARG A 55 -9.75 -19.79 -29.30
N GLU A 56 -10.06 -18.62 -29.78
CA GLU A 56 -9.78 -18.25 -31.15
C GLU A 56 -8.30 -18.25 -31.47
N GLN A 57 -7.49 -17.70 -30.61
CA GLN A 57 -6.04 -17.62 -30.77
C GLN A 57 -5.44 -19.03 -30.84
N LEU A 58 -6.03 -19.95 -30.09
CA LEU A 58 -5.50 -21.31 -30.02
C LEU A 58 -6.19 -22.28 -31.00
N SER A 59 -7.07 -21.76 -31.84
CA SER A 59 -7.89 -22.62 -32.69
C SER A 59 -7.06 -23.38 -33.73
N SER A 60 -6.18 -22.65 -34.43
CA SER A 60 -5.37 -23.24 -35.49
C SER A 60 -3.90 -22.86 -35.30
N VAL A 61 -3.07 -23.86 -35.07
CA VAL A 61 -1.68 -23.62 -34.67
C VAL A 61 -0.73 -24.49 -35.50
N SER A 62 0.33 -23.88 -36.02
CA SER A 62 1.29 -24.61 -36.84
C SER A 62 2.49 -25.07 -36.02
N SER A 63 2.72 -24.40 -34.90
CA SER A 63 3.69 -24.84 -33.95
C SER A 63 3.33 -24.41 -32.52
N PHE A 64 3.73 -25.23 -31.57
CA PHE A 64 3.28 -25.02 -30.19
C PHE A 64 4.15 -25.79 -29.21
N GLU A 65 4.67 -25.10 -28.21
CA GLU A 65 5.47 -25.76 -27.19
C GLU A 65 5.23 -25.13 -25.83
N ARG A 66 5.23 -25.98 -24.80
CA ARG A 66 5.16 -25.50 -23.43
C ARG A 66 6.58 -25.43 -22.87
N PHE A 67 6.90 -24.35 -22.16
CA PHE A 67 8.21 -24.23 -21.53
C PHE A 67 8.08 -23.59 -20.16
N GLU A 68 9.06 -23.85 -19.29
CA GLU A 68 9.02 -23.33 -17.94
C GLU A 68 9.55 -21.90 -17.91
N ILE A 69 8.66 -20.94 -18.12
CA ILE A 69 9.05 -19.54 -18.21
C ILE A 69 9.71 -19.04 -16.93
N PHE A 70 9.15 -19.43 -15.79
CA PHE A 70 9.71 -19.08 -14.48
C PHE A 70 9.90 -20.35 -13.66
N PRO A 71 11.11 -20.95 -13.74
CA PRO A 71 11.38 -22.20 -13.04
C PRO A 71 11.00 -22.13 -11.57
N LYS A 72 10.26 -23.12 -11.09
CA LYS A 72 9.76 -23.12 -9.73
C LYS A 72 10.87 -23.04 -8.68
N THR A 73 11.93 -23.81 -8.87
CA THR A 73 12.96 -23.96 -7.85
C THR A 73 13.85 -22.74 -7.64
N SER A 74 13.95 -21.87 -8.65
CA SER A 74 14.90 -20.78 -8.59
C SER A 74 14.31 -19.38 -8.76
N SER A 75 13.05 -19.30 -9.20
CA SER A 75 12.48 -18.00 -9.53
C SER A 75 12.05 -17.14 -8.33
N TRP A 76 11.73 -17.80 -7.21
CA TRP A 76 11.07 -17.10 -6.10
C TRP A 76 11.73 -17.33 -4.74
N PRO A 77 12.98 -16.86 -4.58
CA PRO A 77 13.74 -17.11 -3.35
C PRO A 77 13.12 -16.48 -2.12
N ASN A 78 12.34 -15.41 -2.29
CA ASN A 78 11.83 -14.64 -1.15
C ASN A 78 10.35 -14.86 -0.87
N HIS A 79 9.75 -15.85 -1.53
CA HIS A 79 8.34 -16.17 -1.35
C HIS A 79 8.18 -17.68 -1.24
N ASP A 80 7.04 -18.12 -0.74
CA ASP A 80 6.80 -19.55 -0.58
C ASP A 80 6.06 -20.09 -1.79
N SER A 81 6.69 -21.01 -2.52
CA SER A 81 6.09 -21.57 -3.70
C SER A 81 5.62 -23.02 -3.49
N ASN A 82 5.56 -23.45 -2.23
CA ASN A 82 5.15 -24.81 -1.91
C ASN A 82 3.79 -24.96 -1.24
N LYS A 83 3.22 -23.90 -0.71
CA LYS A 83 1.97 -23.98 0.04
C LYS A 83 0.70 -23.69 -0.75
N GLY A 84 0.84 -23.32 -1.99
CA GLY A 84 -0.30 -22.86 -2.76
C GLY A 84 -1.15 -23.96 -3.37
N VAL A 85 -1.73 -24.81 -2.53
CA VAL A 85 -2.62 -25.86 -3.01
C VAL A 85 -4.00 -25.69 -2.37
N THR A 86 -5.01 -26.31 -2.94
CA THR A 86 -6.37 -26.11 -2.48
C THR A 86 -7.25 -27.34 -2.70
N ALA A 87 -8.22 -27.52 -1.80
CA ALA A 87 -9.16 -28.63 -1.91
C ALA A 87 -10.05 -28.48 -3.15
N ALA A 88 -10.09 -27.29 -3.71
CA ALA A 88 -10.90 -27.03 -4.91
C ALA A 88 -10.25 -27.65 -6.14
N CYS A 89 -8.96 -27.95 -6.05
CA CYS A 89 -8.19 -28.49 -7.16
C CYS A 89 -7.47 -29.77 -6.74
N PRO A 90 -8.24 -30.83 -6.44
CA PRO A 90 -7.64 -32.06 -5.90
C PRO A 90 -6.94 -32.86 -6.99
N HIS A 91 -5.89 -33.57 -6.61
CA HIS A 91 -5.29 -34.55 -7.51
C HIS A 91 -4.86 -35.75 -6.70
N ALA A 92 -5.25 -36.94 -7.08
CA ALA A 92 -4.71 -38.12 -6.47
C ALA A 92 -4.94 -38.09 -5.00
N GLY A 93 -6.15 -37.83 -4.59
CA GLY A 93 -6.47 -37.84 -3.19
C GLY A 93 -5.94 -36.73 -2.26
N ALA A 94 -5.41 -35.65 -2.83
CA ALA A 94 -4.85 -34.58 -2.06
C ALA A 94 -5.04 -33.18 -2.68
N LYS A 95 -4.94 -32.15 -1.87
CA LYS A 95 -4.99 -30.79 -2.33
C LYS A 95 -3.93 -30.54 -3.41
N SER A 96 -4.29 -29.84 -4.44
CA SER A 96 -3.35 -29.53 -5.52
C SER A 96 -3.65 -28.18 -6.15
N PHE A 97 -3.17 -27.99 -7.37
CA PHE A 97 -3.35 -26.71 -8.05
C PHE A 97 -3.00 -26.86 -9.52
N TYR A 98 -3.25 -25.81 -10.30
CA TYR A 98 -2.89 -25.79 -11.70
C TYR A 98 -1.41 -26.08 -11.89
N LYS A 99 -1.09 -26.84 -12.90
CA LYS A 99 0.30 -27.17 -13.20
C LYS A 99 1.07 -25.99 -13.72
N ASN A 100 0.40 -25.16 -14.49
CA ASN A 100 1.12 -24.11 -15.21
C ASN A 100 1.29 -22.79 -14.45
N LEU A 101 0.73 -22.73 -13.25
CA LEU A 101 0.81 -21.53 -12.41
C LEU A 101 1.29 -21.91 -11.02
N ILE A 102 1.84 -20.94 -10.30
CA ILE A 102 2.19 -21.13 -8.89
C ILE A 102 1.50 -20.09 -8.01
N TRP A 103 0.78 -20.57 -7.00
CA TRP A 103 0.10 -19.69 -6.05
C TRP A 103 1.09 -19.30 -4.97
N LEU A 104 1.79 -18.19 -5.18
CA LEU A 104 2.80 -17.71 -4.24
C LEU A 104 2.15 -17.15 -2.99
N VAL A 105 2.64 -17.58 -1.83
CA VAL A 105 2.19 -17.00 -0.56
C VAL A 105 3.39 -16.49 0.23
N LYS A 106 3.12 -15.86 1.37
CA LYS A 106 4.18 -15.26 2.17
C LYS A 106 5.14 -16.30 2.73
N LYS A 107 6.39 -15.89 2.93
CA LYS A 107 7.38 -16.71 3.59
C LYS A 107 7.54 -16.20 5.02
N GLY A 108 7.13 -17.00 5.99
CA GLY A 108 7.06 -16.53 7.37
C GLY A 108 5.97 -15.47 7.51
N ASN A 109 6.36 -14.29 7.96
CA ASN A 109 5.42 -13.18 8.07
C ASN A 109 5.75 -12.01 7.16
N SER A 110 6.36 -12.31 6.02
CA SER A 110 6.72 -11.26 5.07
C SER A 110 6.45 -11.64 3.63
N TYR A 111 5.95 -10.68 2.87
CA TYR A 111 5.75 -10.85 1.43
C TYR A 111 6.37 -9.64 0.76
N PRO A 112 7.64 -9.77 0.36
CA PRO A 112 8.40 -8.67 -0.25
C PRO A 112 7.79 -8.32 -1.59
N LYS A 113 8.03 -7.10 -2.05
CA LYS A 113 7.60 -6.71 -3.38
C LYS A 113 8.24 -7.67 -4.36
N LEU A 114 7.43 -8.32 -5.18
CA LEU A 114 8.03 -9.22 -6.16
C LEU A 114 8.18 -8.50 -7.49
N SER A 115 9.25 -8.84 -8.19
CA SER A 115 9.55 -8.21 -9.47
C SER A 115 10.25 -9.23 -10.32
N LYS A 116 9.64 -9.64 -11.42
CA LYS A 116 10.15 -10.68 -12.30
C LYS A 116 9.87 -10.31 -13.74
N SER A 117 10.85 -10.48 -14.61
CA SER A 117 10.67 -10.19 -16.03
C SER A 117 11.05 -11.37 -16.90
N TYR A 118 10.53 -11.38 -18.12
CA TYR A 118 10.90 -12.39 -19.09
C TYR A 118 11.03 -11.73 -20.46
N ILE A 119 12.17 -11.94 -21.11
CA ILE A 119 12.36 -11.47 -22.47
C ILE A 119 12.11 -12.61 -23.45
N ASN A 120 11.27 -12.36 -24.44
CA ASN A 120 10.91 -13.33 -25.43
C ASN A 120 12.05 -13.51 -26.45
N ASP A 121 12.84 -14.52 -26.27
CA ASP A 121 13.86 -14.85 -27.25
C ASP A 121 13.55 -16.12 -28.05
N LYS A 122 12.30 -16.53 -28.11
CA LYS A 122 11.84 -17.77 -28.75
C LYS A 122 11.68 -17.65 -30.25
N GLY A 123 11.74 -16.43 -30.77
CA GLY A 123 11.58 -16.21 -32.20
C GLY A 123 10.13 -16.29 -32.65
N LYS A 124 9.21 -16.44 -31.71
CA LYS A 124 7.79 -16.50 -31.98
C LYS A 124 6.99 -15.99 -30.80
N GLU A 125 5.69 -15.74 -31.02
CA GLU A 125 4.84 -15.25 -29.95
C GLU A 125 4.83 -16.19 -28.76
N VAL A 126 4.84 -15.61 -27.56
CA VAL A 126 4.74 -16.39 -26.34
C VAL A 126 3.47 -16.04 -25.60
N LEU A 127 2.67 -17.07 -25.31
CA LEU A 127 1.43 -16.93 -24.55
C LEU A 127 1.74 -17.08 -23.06
N VAL A 128 1.48 -16.04 -22.29
CA VAL A 128 1.73 -16.06 -20.86
C VAL A 128 0.42 -15.90 -20.10
N LEU A 129 0.17 -16.76 -19.12
CA LEU A 129 -1.05 -16.68 -18.31
C LEU A 129 -0.70 -16.49 -16.85
N TRP A 130 -1.59 -15.83 -16.11
CA TRP A 130 -1.41 -15.66 -14.69
C TRP A 130 -2.77 -15.50 -14.05
N GLY A 131 -2.82 -15.55 -12.73
CA GLY A 131 -4.08 -15.34 -12.01
C GLY A 131 -3.96 -14.23 -10.98
N ILE A 132 -5.09 -13.66 -10.61
CA ILE A 132 -5.16 -12.71 -9.51
C ILE A 132 -6.09 -13.32 -8.48
N HIS A 133 -5.62 -13.46 -7.24
CA HIS A 133 -6.43 -14.06 -6.19
C HIS A 133 -7.19 -13.00 -5.37
N HIS A 134 -8.49 -13.21 -5.21
CA HIS A 134 -9.33 -12.34 -4.41
C HIS A 134 -9.81 -13.10 -3.18
N PRO A 135 -9.17 -12.87 -2.02
CA PRO A 135 -9.52 -13.62 -0.81
C PRO A 135 -10.93 -13.29 -0.32
N SER A 136 -11.49 -14.16 0.52
CA SER A 136 -12.84 -13.98 1.00
C SER A 136 -12.92 -12.94 2.11
N THR A 137 -11.84 -12.84 2.90
CA THR A 137 -11.83 -11.98 4.08
C THR A 137 -10.49 -11.28 4.25
N SER A 138 -10.48 -10.17 4.98
CA SER A 138 -9.24 -9.46 5.25
C SER A 138 -8.28 -10.34 6.05
N ALA A 139 -8.82 -11.20 6.89
CA ALA A 139 -8.00 -12.14 7.66
C ALA A 139 -7.28 -13.12 6.72
N ASP A 140 -7.99 -13.62 5.73
CA ASP A 140 -7.39 -14.52 4.76
C ASP A 140 -6.33 -13.79 3.92
N GLN A 141 -6.59 -12.53 3.60
CA GLN A 141 -5.63 -11.72 2.87
C GLN A 141 -4.32 -11.64 3.64
N GLN A 142 -4.41 -11.38 4.95
CA GLN A 142 -3.22 -11.25 5.77
C GLN A 142 -2.54 -12.61 5.95
N SER A 143 -3.32 -13.63 6.14
CA SER A 143 -2.82 -14.98 6.30
C SER A 143 -2.00 -15.46 5.09
N LEU A 144 -2.41 -15.07 3.88
CA LEU A 144 -1.72 -15.48 2.66
C LEU A 144 -0.58 -14.57 2.27
N TYR A 145 -0.80 -13.26 2.36
CA TYR A 145 0.13 -12.29 1.77
C TYR A 145 0.81 -11.44 2.82
N GLN A 146 0.12 -11.22 3.95
CA GLN A 146 0.65 -10.42 5.05
C GLN A 146 0.50 -8.90 4.87
N ASN A 147 0.28 -8.48 3.63
CA ASN A 147 0.14 -7.07 3.30
C ASN A 147 -1.36 -6.88 3.12
N ALA A 148 -1.89 -5.80 3.68
CA ALA A 148 -3.34 -5.57 3.66
C ALA A 148 -3.82 -4.93 2.36
N ASP A 149 -3.08 -3.94 1.88
CA ASP A 149 -3.48 -3.20 0.69
C ASP A 149 -2.46 -3.46 -0.42
N THR A 150 -2.79 -4.38 -1.32
CA THR A 150 -1.81 -4.85 -2.30
C THR A 150 -2.18 -4.46 -3.72
N TYR A 151 -1.24 -4.66 -4.64
CA TYR A 151 -1.51 -4.48 -6.06
C TYR A 151 -0.68 -5.48 -6.86
N VAL A 152 -1.07 -5.67 -8.11
CA VAL A 152 -0.28 -6.42 -9.07
C VAL A 152 -0.18 -5.57 -10.33
N PHE A 153 0.99 -5.53 -10.94
CA PHE A 153 1.15 -4.84 -12.21
C PHE A 153 1.79 -5.78 -13.22
N VAL A 154 1.23 -5.83 -14.42
CA VAL A 154 1.80 -6.64 -15.49
C VAL A 154 1.93 -5.75 -16.70
N GLY A 155 3.11 -5.73 -17.31
CA GLY A 155 3.33 -4.84 -18.43
C GLY A 155 4.30 -5.37 -19.46
N SER A 156 4.07 -4.98 -20.71
CA SER A 156 4.99 -5.23 -21.81
C SER A 156 4.91 -4.01 -22.72
N SER A 157 5.51 -4.10 -23.90
CA SER A 157 5.45 -3.00 -24.86
C SER A 157 4.04 -2.79 -25.40
N ARG A 158 3.25 -3.85 -25.29
CA ARG A 158 1.96 -3.97 -25.89
C ARG A 158 0.83 -4.08 -24.87
N TYR A 159 1.19 -4.22 -23.60
CA TYR A 159 0.25 -4.52 -22.54
C TYR A 159 0.60 -3.81 -21.26
N SER A 160 -0.41 -3.29 -20.56
CA SER A 160 -0.17 -2.62 -19.29
C SER A 160 -1.44 -2.65 -18.44
N LYS A 161 -1.36 -3.27 -17.28
CA LYS A 161 -2.53 -3.37 -16.41
C LYS A 161 -2.16 -3.44 -14.93
N LYS A 162 -2.89 -2.69 -14.11
CA LYS A 162 -2.71 -2.74 -12.66
C LYS A 162 -3.93 -3.43 -12.06
N PHE A 163 -3.70 -4.33 -11.11
CA PHE A 163 -4.78 -5.13 -10.54
C PHE A 163 -4.87 -4.86 -9.05
N LYS A 164 -6.09 -4.71 -8.56
CA LYS A 164 -6.33 -4.56 -7.13
C LYS A 164 -7.27 -5.67 -6.66
N PRO A 165 -6.84 -6.45 -5.67
CA PRO A 165 -7.66 -7.55 -5.16
C PRO A 165 -8.94 -7.03 -4.53
N GLU A 166 -10.00 -7.75 -4.69
CA GLU A 166 -11.19 -7.34 -4.07
C GLU A 166 -11.59 -8.39 -3.04
N ILE A 167 -11.41 -8.07 -1.78
CA ILE A 167 -11.67 -8.97 -0.67
C ILE A 167 -13.17 -8.99 -0.33
N ALA A 168 -13.78 -10.16 -0.42
CA ALA A 168 -15.23 -10.28 -0.26
C ALA A 168 -15.68 -11.73 -0.20
N ILE A 169 -16.77 -11.98 0.52
CA ILE A 169 -17.34 -13.32 0.61
C ILE A 169 -18.32 -13.58 -0.54
N ARG A 170 -17.88 -14.35 -1.53
CA ARG A 170 -18.74 -14.77 -2.63
C ARG A 170 -19.48 -16.04 -2.25
N PRO A 171 -20.52 -16.40 -3.01
CA PRO A 171 -21.20 -17.68 -2.76
C PRO A 171 -20.21 -18.82 -2.83
N LYS A 172 -20.34 -19.80 -1.96
CA LYS A 172 -19.43 -20.91 -1.85
C LYS A 172 -19.50 -21.72 -3.13
N VAL A 173 -18.36 -21.92 -3.77
CA VAL A 173 -18.28 -22.81 -4.92
C VAL A 173 -17.07 -23.71 -4.75
N ARG A 174 -17.29 -25.02 -4.80
CA ARG A 174 -16.24 -25.99 -4.47
C ARG A 174 -15.56 -25.58 -3.16
N ASP A 175 -16.39 -25.14 -2.23
CA ASP A 175 -15.99 -24.79 -0.86
C ASP A 175 -15.16 -23.50 -0.78
N GLN A 176 -15.14 -22.73 -1.87
CA GLN A 176 -14.37 -21.49 -1.87
C GLN A 176 -15.30 -20.26 -1.87
N GLU A 177 -15.05 -19.34 -0.95
CA GLU A 177 -15.77 -18.07 -0.94
C GLU A 177 -14.93 -16.98 -1.57
N GLY A 178 -13.65 -17.28 -1.80
CA GLY A 178 -12.79 -16.39 -2.53
C GLY A 178 -12.88 -16.67 -4.02
N ARG A 179 -12.19 -15.88 -4.82
CA ARG A 179 -12.20 -16.08 -6.27
C ARG A 179 -10.83 -15.88 -6.89
N MET A 180 -10.63 -16.44 -8.07
CA MET A 180 -9.39 -16.25 -8.80
C MET A 180 -9.72 -15.91 -10.25
N ASN A 181 -9.25 -14.76 -10.73
CA ASN A 181 -9.43 -14.43 -12.14
C ASN A 181 -8.18 -14.81 -12.93
N TYR A 182 -8.37 -15.25 -14.18
CA TYR A 182 -7.28 -15.73 -15.02
C TYR A 182 -7.07 -14.81 -16.21
N TYR A 183 -5.83 -14.39 -16.43
CA TYR A 183 -5.49 -13.43 -17.47
C TYR A 183 -4.39 -13.99 -18.34
N TRP A 184 -4.25 -13.40 -19.53
CA TRP A 184 -3.21 -13.84 -20.45
C TRP A 184 -2.86 -12.72 -21.42
N THR A 185 -1.69 -12.82 -22.04
CA THR A 185 -1.35 -11.91 -23.11
C THR A 185 -0.33 -12.58 -24.00
N LEU A 186 -0.12 -12.03 -25.19
CA LEU A 186 0.88 -12.55 -26.11
C LEU A 186 2.07 -11.60 -26.13
N VAL A 187 3.26 -12.16 -25.90
CA VAL A 187 4.47 -11.35 -25.88
C VAL A 187 5.19 -11.52 -27.22
N GLU A 188 5.41 -10.41 -27.92
CA GLU A 188 6.07 -10.44 -29.22
C GLU A 188 7.54 -10.81 -29.11
N PRO A 189 8.08 -11.45 -30.15
CA PRO A 189 9.51 -11.73 -30.17
C PRO A 189 10.32 -10.50 -29.84
N GLY A 190 11.23 -10.61 -28.88
CA GLY A 190 12.11 -9.51 -28.52
C GLY A 190 11.55 -8.61 -27.43
N ASP A 191 10.26 -8.74 -27.13
CA ASP A 191 9.65 -7.90 -26.12
C ASP A 191 9.85 -8.47 -24.73
N LYS A 192 9.63 -7.63 -23.72
CA LYS A 192 9.80 -8.05 -22.33
C LYS A 192 8.48 -7.89 -21.59
N ILE A 193 8.12 -8.89 -20.80
CA ILE A 193 6.95 -8.77 -19.93
C ILE A 193 7.43 -8.73 -18.48
N THR A 194 6.89 -7.80 -17.70
CA THR A 194 7.29 -7.64 -16.31
C THR A 194 6.11 -7.88 -15.37
N PHE A 195 6.38 -8.57 -14.27
CA PHE A 195 5.38 -8.79 -13.23
C PHE A 195 5.84 -8.09 -11.96
N GLU A 196 4.91 -7.43 -11.28
CA GLU A 196 5.23 -6.77 -10.01
C GLU A 196 4.04 -6.94 -9.09
N ALA A 197 4.30 -7.26 -7.83
CA ALA A 197 3.20 -7.51 -6.90
C ALA A 197 3.59 -7.38 -5.45
N THR A 198 2.65 -6.93 -4.62
CA THR A 198 2.83 -6.94 -3.17
C THR A 198 1.89 -7.97 -2.55
N GLY A 199 1.26 -8.77 -3.41
CA GLY A 199 0.42 -9.86 -2.98
C GLY A 199 -0.50 -10.34 -4.10
N ASN A 200 -1.16 -11.46 -3.88
CA ASN A 200 -2.32 -11.87 -4.69
C ASN A 200 -2.01 -12.28 -6.13
N LEU A 201 -0.76 -12.51 -6.46
CA LEU A 201 -0.40 -12.89 -7.82
C LEU A 201 -0.16 -14.38 -7.92
N VAL A 202 -0.94 -15.02 -8.77
CA VAL A 202 -0.71 -16.41 -9.10
C VAL A 202 0.20 -16.41 -10.32
N VAL A 203 1.50 -16.63 -10.09
CA VAL A 203 2.51 -16.40 -11.11
C VAL A 203 2.55 -17.46 -12.19
N PRO A 204 3.01 -17.09 -13.39
CA PRO A 204 3.23 -18.10 -14.41
C PRO A 204 4.31 -19.05 -13.95
N ARG A 205 4.18 -20.35 -14.24
CA ARG A 205 5.25 -21.29 -14.17
C ARG A 205 5.65 -21.77 -15.56
N TYR A 206 4.65 -22.26 -16.28
CA TYR A 206 4.80 -22.65 -17.69
C TYR A 206 4.07 -21.68 -18.61
N ALA A 207 4.70 -21.34 -19.72
CA ALA A 207 4.07 -20.53 -20.77
C ALA A 207 4.20 -21.27 -22.09
N PHE A 208 3.71 -20.67 -23.16
CA PHE A 208 3.65 -21.38 -24.44
C PHE A 208 4.18 -20.53 -25.60
N ALA A 209 5.08 -21.11 -26.38
CA ALA A 209 5.55 -20.46 -27.60
C ALA A 209 4.78 -21.04 -28.78
N MET A 210 4.29 -20.19 -29.67
CA MET A 210 3.47 -20.68 -30.78
C MET A 210 3.52 -19.84 -32.04
N GLU A 211 3.13 -20.46 -33.15
CA GLU A 211 2.88 -19.77 -34.41
C GLU A 211 1.49 -20.17 -34.88
N ARG A 212 0.73 -19.25 -35.43
CA ARG A 212 -0.61 -19.52 -35.96
C ARG A 212 -0.61 -19.91 -37.45
N ASN A 213 -1.47 -20.84 -37.86
CA ASN A 213 -1.62 -21.29 -39.24
C ASN A 213 -2.12 -20.18 -40.17
N ALA A 214 -1.51 -20.10 -41.35
CA ALA A 214 -1.91 -19.14 -42.37
C ALA A 214 -2.22 -17.76 -41.78
N ALA B 1 25.24 -8.23 -20.99
CA ALA B 1 24.59 -9.16 -20.08
C ALA B 1 24.37 -8.61 -18.68
N PRO B 2 23.14 -8.71 -18.20
CA PRO B 2 22.79 -8.17 -16.90
C PRO B 2 23.44 -8.86 -15.74
N LEU B 3 23.44 -8.13 -14.63
CA LEU B 3 23.84 -8.67 -13.38
C LEU B 3 22.58 -9.10 -12.65
N HIS B 4 22.53 -10.34 -12.21
CA HIS B 4 21.43 -10.82 -11.40
C HIS B 4 21.79 -10.84 -9.95
N LEU B 5 21.07 -10.14 -9.12
CA LEU B 5 21.50 -10.05 -7.73
C LEU B 5 21.14 -11.28 -6.89
N GLY B 6 20.15 -11.99 -7.36
CA GLY B 6 19.56 -13.16 -6.78
C GLY B 6 18.41 -13.04 -5.82
N LYS B 7 18.65 -12.67 -4.59
CA LYS B 7 17.62 -12.58 -3.60
C LYS B 7 17.60 -11.25 -2.83
N CYS B 8 18.24 -10.28 -3.41
CA CYS B 8 18.36 -8.97 -2.80
C CYS B 8 18.17 -7.87 -3.82
N ASN B 9 17.96 -6.65 -3.34
CA ASN B 9 17.95 -5.50 -4.22
C ASN B 9 19.31 -4.82 -4.15
N ILE B 10 19.46 -3.71 -4.88
CA ILE B 10 20.73 -3.01 -4.93
C ILE B 10 21.21 -2.57 -3.53
N ALA B 11 20.30 -2.05 -2.72
CA ALA B 11 20.66 -1.60 -1.38
C ALA B 11 21.30 -2.71 -0.56
N GLY B 12 20.66 -3.87 -0.51
CA GLY B 12 21.18 -4.99 0.26
C GLY B 12 22.51 -5.49 -0.27
N TRP B 13 22.63 -5.55 -1.59
CA TRP B 13 23.86 -6.02 -2.23
C TRP B 13 25.02 -5.07 -1.99
N ILE B 14 24.83 -3.79 -2.25
CA ILE B 14 25.90 -2.81 -2.15
C ILE B 14 26.37 -2.58 -0.70
N LEU B 15 25.45 -2.72 0.26
CA LEU B 15 25.82 -2.57 1.66
C LEU B 15 26.41 -3.86 2.22
N GLY B 16 26.10 -4.97 1.58
CA GLY B 16 26.57 -6.27 2.06
C GLY B 16 25.67 -6.84 3.15
N ASN B 17 24.37 -6.62 3.03
CA ASN B 17 23.41 -7.28 3.90
C ASN B 17 23.75 -8.77 3.93
N PRO B 18 23.84 -9.35 5.14
CA PRO B 18 24.29 -10.73 5.30
C PRO B 18 23.48 -11.74 4.48
N GLU B 19 22.23 -11.41 4.21
CA GLU B 19 21.37 -12.25 3.40
C GLU B 19 21.77 -12.29 1.94
N CYS B 20 22.53 -11.32 1.46
CA CYS B 20 22.96 -11.23 0.07
C CYS B 20 24.38 -11.76 -0.06
N GLU B 21 24.63 -12.54 -1.10
CA GLU B 21 25.98 -13.00 -1.38
C GLU B 21 26.80 -11.78 -1.78
N SER B 22 28.01 -11.67 -1.24
CA SER B 22 28.89 -10.56 -1.58
C SER B 22 29.03 -10.44 -3.10
N LEU B 23 28.67 -11.52 -3.78
CA LEU B 23 28.66 -11.58 -5.25
C LEU B 23 29.78 -10.75 -5.87
N SER B 24 31.01 -11.14 -5.57
CA SER B 24 32.17 -10.50 -6.16
C SER B 24 32.65 -11.30 -7.35
N THR B 25 31.79 -11.44 -8.37
CA THR B 25 32.14 -12.27 -9.52
C THR B 25 32.06 -11.51 -10.85
N ALA B 26 30.91 -10.90 -11.13
CA ALA B 26 30.76 -10.15 -12.38
C ALA B 26 31.42 -8.79 -12.25
N SER B 27 32.22 -8.44 -13.25
CA SER B 27 33.06 -7.25 -13.26
C SER B 27 32.43 -6.19 -14.12
N SER B 28 31.50 -6.63 -14.93
CA SER B 28 30.84 -5.73 -15.87
C SER B 28 29.43 -6.24 -16.14
N TRP B 29 28.52 -5.32 -16.42
CA TRP B 29 27.14 -5.69 -16.71
C TRP B 29 26.42 -4.55 -17.41
N SER B 30 25.30 -4.87 -18.06
CA SER B 30 24.56 -3.89 -18.83
C SER B 30 23.36 -3.34 -18.04
N TYR B 31 22.87 -4.10 -17.09
CA TYR B 31 21.83 -3.65 -16.18
C TYR B 31 21.75 -4.63 -15.00
N ILE B 32 20.97 -4.31 -13.99
CA ILE B 32 20.86 -5.12 -12.78
C ILE B 32 19.46 -5.69 -12.59
N VAL B 33 19.37 -6.95 -12.34
CA VAL B 33 18.11 -7.51 -12.06
C VAL B 33 18.01 -7.73 -10.54
N GLU B 34 17.03 -7.08 -9.95
CA GLU B 34 16.84 -7.08 -8.50
C GLU B 34 15.69 -7.96 -8.06
N THR B 35 15.85 -8.51 -6.88
CA THR B 35 14.75 -9.15 -6.25
C THR B 35 14.43 -8.57 -4.86
N PRO B 36 13.40 -7.71 -4.72
CA PRO B 36 13.20 -7.15 -3.39
C PRO B 36 13.17 -8.21 -2.28
N SER B 37 13.63 -7.82 -1.09
CA SER B 37 13.63 -8.71 0.07
C SER B 37 12.76 -8.13 1.19
N SER B 38 12.59 -8.87 2.27
CA SER B 38 11.67 -8.45 3.32
C SER B 38 12.14 -7.21 4.07
N ASP B 39 13.45 -7.00 4.14
CA ASP B 39 13.97 -5.81 4.83
C ASP B 39 14.34 -4.69 3.87
N ASN B 40 14.07 -4.90 2.59
CA ASN B 40 14.43 -3.94 1.56
C ASN B 40 15.93 -3.74 1.41
N GLY B 41 16.78 -4.71 1.76
CA GLY B 41 18.19 -4.39 1.67
C GLY B 41 18.72 -3.77 2.96
N THR B 42 17.92 -2.95 3.63
CA THR B 42 18.39 -2.31 4.86
C THR B 42 17.87 -3.03 6.10
N CYS B 43 18.61 -4.05 6.54
CA CYS B 43 18.19 -4.84 7.70
C CYS B 43 18.05 -3.96 8.94
N TYR B 44 18.96 -3.01 9.12
CA TYR B 44 18.74 -2.00 10.16
C TYR B 44 17.95 -0.87 9.55
N PRO B 45 16.74 -0.60 10.08
CA PRO B 45 15.80 0.34 9.46
C PRO B 45 16.37 1.74 9.34
N GLY B 46 15.98 2.43 8.27
CA GLY B 46 16.49 3.77 8.02
C GLY B 46 16.31 4.11 6.56
N ASP B 47 16.78 5.28 6.16
CA ASP B 47 16.63 5.74 4.78
C ASP B 47 17.94 5.67 4.02
N PHE B 48 17.90 5.04 2.85
CA PHE B 48 19.03 5.04 1.94
C PHE B 48 18.96 6.31 1.10
N ILE B 49 19.98 7.15 1.23
CA ILE B 49 19.95 8.49 0.65
C ILE B 49 20.50 8.49 -0.77
N ASP B 50 19.93 9.34 -1.63
CA ASP B 50 20.35 9.40 -3.04
C ASP B 50 20.29 8.02 -3.69
N TYR B 51 19.27 7.25 -3.32
CA TYR B 51 19.18 5.86 -3.73
C TYR B 51 18.92 5.68 -5.23
N GLU B 52 17.95 6.39 -5.78
CA GLU B 52 17.66 6.28 -7.19
C GLU B 52 18.88 6.67 -8.03
N GLU B 53 19.59 7.71 -7.61
CA GLU B 53 20.80 8.14 -8.30
C GLU B 53 21.86 7.03 -8.30
N LEU B 54 21.98 6.33 -7.18
CA LEU B 54 22.92 5.23 -7.05
C LEU B 54 22.57 4.09 -8.02
N ARG B 55 21.29 3.74 -8.08
CA ARG B 55 20.83 2.66 -8.95
C ARG B 55 21.22 2.97 -10.38
N GLU B 56 21.11 4.22 -10.80
CA GLU B 56 21.50 4.68 -12.14
C GLU B 56 23.01 4.66 -12.33
N GLN B 57 23.70 5.05 -11.31
CA GLN B 57 25.14 5.01 -11.35
C GLN B 57 25.67 3.58 -11.53
N LEU B 58 24.97 2.62 -10.94
CA LEU B 58 25.38 1.22 -10.98
C LEU B 58 24.71 0.42 -12.10
N SER B 59 23.93 1.09 -12.94
CA SER B 59 23.12 0.38 -13.93
C SER B 59 23.97 -0.31 -15.00
N SER B 60 24.96 0.41 -15.50
CA SER B 60 25.82 -0.09 -16.55
C SER B 60 27.32 0.13 -16.33
N VAL B 61 28.03 -0.92 -16.05
CA VAL B 61 29.42 -0.77 -15.75
C VAL B 61 30.30 -1.63 -16.59
N SER B 62 31.45 -1.09 -16.87
CA SER B 62 32.41 -1.79 -17.72
C SER B 62 33.51 -2.43 -16.88
N SER B 63 33.65 -2.00 -15.66
CA SER B 63 34.55 -2.63 -14.74
C SER B 63 34.15 -2.27 -13.32
N PHE B 64 34.45 -3.14 -12.40
CA PHE B 64 33.90 -3.06 -11.05
C PHE B 64 34.65 -3.98 -10.10
N GLU B 65 35.15 -3.44 -8.99
CA GLU B 65 35.83 -4.26 -7.99
C GLU B 65 35.53 -3.76 -6.60
N ARG B 66 35.42 -4.69 -5.67
CA ARG B 66 35.30 -4.35 -4.25
C ARG B 66 36.68 -4.44 -3.61
N PHE B 67 37.00 -3.46 -2.76
CA PHE B 67 38.27 -3.50 -2.05
C PHE B 67 38.11 -2.99 -0.63
N GLU B 68 38.98 -3.43 0.27
CA GLU B 68 38.90 -3.03 1.67
C GLU B 68 39.52 -1.65 1.86
N ILE B 69 38.70 -0.61 1.72
CA ILE B 69 39.17 0.76 1.81
C ILE B 69 39.79 1.08 3.17
N PHE B 70 39.13 0.61 4.23
CA PHE B 70 39.64 0.77 5.60
C PHE B 70 39.69 -0.59 6.28
N PRO B 71 40.85 -1.24 6.22
CA PRO B 71 41.00 -2.59 6.78
C PRO B 71 40.54 -2.65 8.23
N LYS B 72 39.71 -3.64 8.53
CA LYS B 72 39.11 -3.74 9.86
C LYS B 72 40.15 -3.84 10.98
N THR B 73 41.17 -4.66 10.77
CA THR B 73 42.10 -4.99 11.84
C THR B 73 43.06 -3.85 12.23
N SER B 74 43.28 -2.90 11.33
CA SER B 74 44.29 -1.87 11.57
C SER B 74 43.79 -0.42 11.53
N SER B 75 42.58 -0.20 11.04
CA SER B 75 42.10 1.16 10.82
C SER B 75 41.64 1.90 12.08
N TRP B 76 41.20 1.16 13.09
CA TRP B 76 40.51 1.76 14.23
C TRP B 76 41.07 1.33 15.58
N PRO B 77 42.33 1.70 15.86
CA PRO B 77 42.99 1.26 17.10
C PRO B 77 42.33 1.82 18.37
N ASN B 78 41.64 2.94 18.25
CA ASN B 78 41.09 3.61 19.44
C ASN B 78 39.58 3.48 19.59
N HIS B 79 38.97 2.60 18.79
CA HIS B 79 37.54 2.36 18.86
C HIS B 79 37.28 0.87 18.80
N ASP B 80 36.08 0.45 19.19
CA ASP B 80 35.74 -0.97 19.16
C ASP B 80 35.05 -1.32 17.85
N SER B 81 35.67 -2.20 17.08
CA SER B 81 35.13 -2.60 15.78
C SER B 81 34.57 -4.03 15.81
N ASN B 82 34.39 -4.57 17.00
CA ASN B 82 33.88 -5.95 17.16
C ASN B 82 32.47 -6.06 17.73
N LYS B 83 31.94 -4.98 18.30
CA LYS B 83 30.67 -5.05 19.02
C LYS B 83 29.45 -4.66 18.20
N GLY B 84 29.69 -4.14 17.00
CA GLY B 84 28.61 -3.54 16.22
C GLY B 84 27.77 -4.51 15.42
N VAL B 85 27.10 -5.42 16.13
CA VAL B 85 26.17 -6.34 15.48
C VAL B 85 24.77 -6.15 16.08
N THR B 86 23.76 -6.63 15.36
CA THR B 86 22.38 -6.39 15.77
C THR B 86 21.46 -7.52 15.38
N ALA B 87 20.41 -7.72 16.16
CA ALA B 87 19.41 -8.75 15.88
C ALA B 87 18.62 -8.41 14.62
N ALA B 88 18.68 -7.16 14.19
CA ALA B 88 17.99 -6.72 12.99
C ALA B 88 18.67 -7.25 11.73
N CYS B 89 19.92 -7.66 11.87
CA CYS B 89 20.72 -8.13 10.75
C CYS B 89 21.33 -9.49 11.08
N PRO B 90 20.47 -10.51 11.22
CA PRO B 90 20.96 -11.83 11.63
C PRO B 90 21.67 -12.55 10.50
N HIS B 91 22.64 -13.38 10.85
CA HIS B 91 23.25 -14.29 9.90
C HIS B 91 23.55 -15.60 10.61
N ALA B 92 23.01 -16.70 10.08
CA ALA B 92 23.20 -18.01 10.69
C ALA B 92 22.68 -18.03 12.12
N GLY B 93 21.58 -17.33 12.36
CA GLY B 93 20.94 -17.34 13.66
C GLY B 93 21.66 -16.55 14.74
N ALA B 94 22.68 -15.79 14.35
CA ALA B 94 23.39 -14.94 15.30
C ALA B 94 23.34 -13.48 14.86
N LYS B 95 23.52 -12.57 15.78
CA LYS B 95 23.52 -11.16 15.48
C LYS B 95 24.63 -10.86 14.50
N SER B 96 24.36 -10.02 13.52
CA SER B 96 25.38 -9.68 12.55
C SER B 96 25.20 -8.25 12.05
N PHE B 97 25.75 -7.94 10.88
CA PHE B 97 25.70 -6.60 10.35
C PHE B 97 26.16 -6.61 8.90
N TYR B 98 26.02 -5.46 8.23
CA TYR B 98 26.48 -5.33 6.85
C TYR B 98 27.94 -5.69 6.72
N LYS B 99 28.27 -6.44 5.69
CA LYS B 99 29.63 -6.81 5.38
C LYS B 99 30.53 -5.61 5.03
N ASN B 100 29.98 -4.62 4.37
CA ASN B 100 30.81 -3.56 3.81
C ASN B 100 31.00 -2.34 4.71
N LEU B 101 30.36 -2.36 5.88
CA LEU B 101 30.46 -1.27 6.84
C LEU B 101 30.84 -1.83 8.20
N ILE B 102 31.39 -0.97 9.06
CA ILE B 102 31.62 -1.33 10.45
C ILE B 102 30.94 -0.35 11.41
N TRP B 103 30.12 -0.88 12.31
CA TRP B 103 29.45 -0.08 13.31
C TRP B 103 30.40 0.13 14.50
N LEU B 104 31.15 1.20 14.48
CA LEU B 104 32.10 1.49 15.56
C LEU B 104 31.42 2.00 16.80
N VAL B 105 31.80 1.42 17.90
CA VAL B 105 31.31 1.90 19.18
C VAL B 105 32.49 2.23 20.11
N LYS B 106 32.18 2.78 21.27
CA LYS B 106 33.22 3.20 22.20
C LYS B 106 34.07 2.03 22.71
N LYS B 107 35.31 2.33 23.05
CA LYS B 107 36.22 1.38 23.67
C LYS B 107 36.29 1.73 25.14
N GLY B 108 35.76 0.87 25.99
CA GLY B 108 35.64 1.18 27.41
C GLY B 108 34.63 2.30 27.60
N ASN B 109 35.06 3.40 28.19
CA ASN B 109 34.19 4.55 28.36
C ASN B 109 34.66 5.78 27.60
N SER B 110 35.34 5.56 26.47
CA SER B 110 35.83 6.67 25.68
C SER B 110 35.61 6.46 24.19
N TYR B 111 35.22 7.53 23.51
CA TYR B 111 35.11 7.53 22.06
C TYR B 111 35.85 8.77 21.57
N PRO B 112 37.13 8.60 21.23
CA PRO B 112 37.99 9.70 20.79
C PRO B 112 37.51 10.23 19.46
N LYS B 113 37.82 11.49 19.16
CA LYS B 113 37.52 12.04 17.85
C LYS B 113 38.19 11.14 16.82
N LEU B 114 37.41 10.62 15.88
CA LEU B 114 38.02 9.80 14.84
C LEU B 114 38.30 10.63 13.60
N SER B 115 39.38 10.29 12.92
CA SER B 115 39.79 11.03 11.74
C SER B 115 40.51 10.06 10.81
N LYS B 116 40.01 9.89 9.60
CA LYS B 116 40.51 8.90 8.70
C LYS B 116 40.32 9.43 7.28
N SER B 117 41.32 9.24 6.46
N SER B 117 41.32 9.24 6.46
CA SER B 117 41.24 9.71 5.08
CA SER B 117 41.24 9.69 5.08
C SER B 117 41.66 8.62 4.10
C SER B 117 41.61 8.58 4.11
N TYR B 118 41.17 8.73 2.87
CA TYR B 118 41.53 7.80 1.81
C TYR B 118 41.79 8.59 0.54
N ILE B 119 42.95 8.35 -0.08
CA ILE B 119 43.25 8.97 -1.35
C ILE B 119 43.02 7.95 -2.47
N ASN B 120 42.26 8.36 -3.48
CA ASN B 120 41.90 7.45 -4.57
C ASN B 120 43.09 7.26 -5.51
N ASP B 121 43.78 6.14 -5.35
CA ASP B 121 44.91 5.79 -6.20
C ASP B 121 44.54 4.65 -7.15
N LYS B 122 43.26 4.55 -7.49
CA LYS B 122 42.78 3.42 -8.29
C LYS B 122 42.73 3.70 -9.78
N GLY B 123 42.89 4.96 -10.16
CA GLY B 123 42.84 5.32 -11.56
C GLY B 123 41.43 5.38 -12.11
N LYS B 124 40.44 5.20 -11.26
CA LYS B 124 39.04 5.23 -11.62
C LYS B 124 38.17 5.65 -10.46
N GLU B 125 36.91 5.97 -10.71
CA GLU B 125 36.02 6.42 -9.66
C GLU B 125 35.92 5.42 -8.55
N VAL B 126 35.86 5.90 -7.32
CA VAL B 126 35.63 5.01 -6.20
C VAL B 126 34.31 5.38 -5.51
N LEU B 127 33.46 4.37 -5.35
CA LEU B 127 32.18 4.53 -4.67
C LEU B 127 32.36 4.19 -3.20
N VAL B 128 32.13 5.17 -2.33
CA VAL B 128 32.26 4.97 -0.90
C VAL B 128 30.91 5.15 -0.22
N LEU B 129 30.55 4.21 0.65
CA LEU B 129 29.30 4.29 1.39
C LEU B 129 29.55 4.29 2.89
N TRP B 130 28.67 4.92 3.64
CA TRP B 130 28.76 4.94 5.09
C TRP B 130 27.37 5.13 5.66
N GLY B 131 27.24 4.94 6.97
CA GLY B 131 25.96 5.16 7.62
C GLY B 131 26.08 6.12 8.78
N ILE B 132 24.95 6.73 9.13
CA ILE B 132 24.86 7.56 10.33
C ILE B 132 23.82 6.92 11.25
N HIS B 133 24.20 6.62 12.48
CA HIS B 133 23.27 5.97 13.40
C HIS B 133 22.55 6.97 14.29
N HIS B 134 21.23 6.83 14.37
CA HIS B 134 20.38 7.68 15.19
C HIS B 134 19.78 6.84 16.30
N PRO B 135 20.34 6.91 17.51
CA PRO B 135 19.87 6.06 18.60
C PRO B 135 18.45 6.42 19.04
N SER B 136 17.80 5.51 19.74
CA SER B 136 16.42 5.74 20.16
C SER B 136 16.33 6.63 21.39
N THR B 137 17.34 6.58 22.25
CA THR B 137 17.34 7.31 23.51
C THR B 137 18.71 7.90 23.83
N SER B 138 18.73 8.92 24.67
CA SER B 138 19.99 9.52 25.09
C SER B 138 20.85 8.51 25.85
N ALA B 139 20.19 7.60 26.58
CA ALA B 139 20.92 6.53 27.26
C ALA B 139 21.65 5.63 26.27
N ASP B 140 20.97 5.25 25.19
CA ASP B 140 21.59 4.44 24.14
C ASP B 140 22.74 5.18 23.47
N GLN B 141 22.57 6.48 23.27
CA GLN B 141 23.62 7.32 22.69
C GLN B 141 24.88 7.23 23.54
N GLN B 142 24.71 7.36 24.86
CA GLN B 142 25.86 7.31 25.77
C GLN B 142 26.45 5.90 25.84
N SER B 143 25.60 4.91 25.91
CA SER B 143 26.04 3.54 25.90
C SER B 143 26.90 3.18 24.72
N LEU B 144 26.57 3.67 23.55
CA LEU B 144 27.29 3.33 22.32
C LEU B 144 28.52 4.20 22.09
N TYR B 145 28.36 5.51 22.30
CA TYR B 145 29.40 6.46 21.88
C TYR B 145 30.05 7.17 23.05
N GLN B 146 29.32 7.27 24.16
CA GLN B 146 29.81 7.94 25.38
C GLN B 146 29.87 9.46 25.33
N ASN B 147 29.59 10.04 24.17
CA ASN B 147 29.63 11.48 23.97
C ASN B 147 28.15 11.80 23.72
N ALA B 148 27.65 12.83 24.38
CA ALA B 148 26.23 13.16 24.29
C ALA B 148 25.87 13.97 23.04
N ASP B 149 26.69 14.94 22.69
CA ASP B 149 26.43 15.77 21.54
C ASP B 149 27.52 15.50 20.57
N THR B 150 27.19 14.82 19.50
CA THR B 150 28.19 14.39 18.54
C THR B 150 27.97 14.93 17.13
N TYR B 151 28.95 14.75 16.27
CA TYR B 151 28.79 15.10 14.87
C TYR B 151 29.62 14.15 14.01
N VAL B 152 29.29 14.12 12.73
CA VAL B 152 30.11 13.44 11.73
C VAL B 152 30.33 14.41 10.60
N PHE B 153 31.55 14.44 10.07
CA PHE B 153 31.83 15.23 8.89
C PHE B 153 32.48 14.37 7.83
N VAL B 154 32.00 14.49 6.61
CA VAL B 154 32.58 13.76 5.48
C VAL B 154 32.86 14.76 4.38
N GLY B 155 34.08 14.76 3.85
CA GLY B 155 34.43 15.75 2.85
C GLY B 155 35.43 15.28 1.82
N SER B 156 35.29 15.81 0.61
CA SER B 156 36.27 15.61 -0.45
C SER B 156 36.32 16.92 -1.24
N SER B 157 37.00 16.91 -2.37
CA SER B 157 37.08 18.10 -3.21
C SER B 157 35.71 18.47 -3.79
N ARG B 158 34.80 17.55 -3.85
CA ARG B 158 33.52 17.93 -4.35
C ARG B 158 32.35 17.53 -3.49
N TYR B 159 32.67 17.08 -2.32
CA TYR B 159 31.64 16.73 -1.36
C TYR B 159 31.95 17.28 0.02
N SER B 160 30.92 17.76 0.71
CA SER B 160 31.10 18.30 2.06
C SER B 160 29.79 18.29 2.81
N LYS B 161 29.75 17.54 3.90
CA LYS B 161 28.57 17.42 4.69
C LYS B 161 28.80 17.17 6.17
N LYS B 162 28.04 17.85 7.01
CA LYS B 162 28.12 17.61 8.44
C LYS B 162 26.83 16.95 8.90
N PHE B 163 26.95 15.90 9.72
CA PHE B 163 25.78 15.14 10.15
C PHE B 163 25.61 15.25 11.66
N LYS B 164 24.40 15.38 12.15
CA LYS B 164 24.15 15.27 13.54
C LYS B 164 23.06 14.25 13.85
N PRO B 165 23.28 13.34 14.78
CA PRO B 165 22.30 12.31 15.06
C PRO B 165 21.08 12.92 15.63
N GLU B 166 19.96 12.30 15.38
CA GLU B 166 18.73 12.69 15.98
C GLU B 166 18.21 11.58 16.84
N ILE B 167 18.36 11.79 18.14
CA ILE B 167 17.99 10.78 19.11
C ILE B 167 16.48 10.83 19.35
N ALA B 168 15.81 9.71 19.09
CA ALA B 168 14.35 9.67 19.16
C ALA B 168 13.81 8.25 19.03
N ILE B 169 12.68 7.99 19.66
CA ILE B 169 12.00 6.71 19.56
C ILE B 169 11.08 6.63 18.34
N ARG B 170 11.55 5.95 17.30
CA ARG B 170 10.74 5.71 16.10
C ARG B 170 9.90 4.46 16.30
N PRO B 171 8.89 4.26 15.44
CA PRO B 171 8.13 3.01 15.51
C PRO B 171 9.06 1.82 15.37
N LYS B 172 8.80 0.78 16.11
CA LYS B 172 9.67 -0.39 16.19
C LYS B 172 9.64 -1.19 14.91
N VAL B 173 10.77 -1.27 14.22
CA VAL B 173 10.88 -2.05 12.98
C VAL B 173 12.03 -3.04 13.13
N ARG B 174 11.74 -4.32 12.91
CA ARG B 174 12.69 -5.38 13.20
C ARG B 174 13.30 -5.16 14.58
N ASP B 175 12.44 -4.78 15.52
CA ASP B 175 12.78 -4.59 16.92
C ASP B 175 13.67 -3.39 17.20
N GLN B 176 13.81 -2.50 16.22
CA GLN B 176 14.63 -1.31 16.39
C GLN B 176 13.79 -0.04 16.48
N GLU B 177 14.02 0.76 17.51
CA GLU B 177 13.38 2.07 17.60
C GLU B 177 14.34 3.17 17.14
N GLY B 178 15.61 2.80 16.97
CA GLY B 178 16.59 3.70 16.39
C GLY B 178 16.55 3.59 14.89
N ARG B 179 17.34 4.40 14.20
CA ARG B 179 17.39 4.35 12.74
C ARG B 179 18.83 4.52 12.27
N MET B 180 19.10 4.06 11.05
CA MET B 180 20.40 4.25 10.41
C MET B 180 20.18 4.76 8.98
N ASN B 181 20.73 5.93 8.66
CA ASN B 181 20.69 6.43 7.28
C ASN B 181 21.96 6.05 6.53
N TYR B 182 21.81 5.76 5.24
CA TYR B 182 22.94 5.30 4.42
C TYR B 182 23.27 6.33 3.34
N TYR B 183 24.56 6.68 3.24
CA TYR B 183 25.02 7.72 2.33
C TYR B 183 26.13 7.18 1.46
N TRP B 184 26.37 7.86 0.35
CA TRP B 184 27.46 7.47 -0.53
C TRP B 184 27.93 8.66 -1.34
N THR B 185 29.12 8.55 -1.91
CA THR B 185 29.60 9.56 -2.84
C THR B 185 30.65 8.91 -3.75
N LEU B 186 30.98 9.58 -4.84
CA LEU B 186 32.00 9.09 -5.75
C LEU B 186 33.25 9.94 -5.58
N VAL B 187 34.37 9.26 -5.38
CA VAL B 187 35.66 9.89 -5.18
C VAL B 187 36.45 9.88 -6.50
N GLU B 188 36.77 11.07 -7.05
CA GLU B 188 37.50 11.12 -8.32
C GLU B 188 38.93 10.64 -8.14
N PRO B 189 39.51 10.07 -9.21
CA PRO B 189 40.92 9.69 -9.18
C PRO B 189 41.79 10.84 -8.68
N GLY B 190 42.61 10.57 -7.68
CA GLY B 190 43.54 11.55 -7.14
C GLY B 190 42.96 12.37 -6.00
N ASP B 191 41.66 12.29 -5.80
CA ASP B 191 41.00 13.08 -4.75
C ASP B 191 41.07 12.36 -3.42
N LYS B 192 40.85 13.09 -2.34
CA LYS B 192 40.91 12.54 -0.99
C LYS B 192 39.55 12.71 -0.32
N ILE B 193 39.07 11.66 0.34
CA ILE B 193 37.87 11.76 1.16
C ILE B 193 38.27 11.61 2.62
N THR B 194 37.71 12.46 3.47
CA THR B 194 38.04 12.45 4.88
C THR B 194 36.79 12.20 5.71
N PHE B 195 36.92 11.36 6.73
CA PHE B 195 35.85 11.12 7.69
C PHE B 195 36.28 11.63 9.06
N GLU B 196 35.36 12.31 9.74
CA GLU B 196 35.63 12.80 11.08
C GLU B 196 34.37 12.61 11.91
N ALA B 197 34.52 12.15 13.14
CA ALA B 197 33.34 11.90 13.98
C ALA B 197 33.66 11.85 15.46
N THR B 198 32.69 12.25 16.28
CA THR B 198 32.77 12.08 17.72
C THR B 198 31.73 11.05 18.18
N GLY B 199 31.10 10.41 17.20
CA GLY B 199 30.15 9.34 17.45
C GLY B 199 29.29 9.06 16.24
N ASN B 200 28.54 7.95 16.29
CA ASN B 200 27.42 7.71 15.38
C ASN B 200 27.79 7.43 13.93
N LEU B 201 29.07 7.18 13.66
CA LEU B 201 29.49 6.90 12.29
C LEU B 201 29.62 5.41 12.05
N VAL B 202 28.87 4.91 11.08
CA VAL B 202 29.02 3.55 10.60
C VAL B 202 30.03 3.64 9.46
N VAL B 203 31.29 3.30 9.74
CA VAL B 203 32.39 3.57 8.81
C VAL B 203 32.44 2.62 7.63
N PRO B 204 32.98 3.09 6.50
CA PRO B 204 33.22 2.18 5.38
C PRO B 204 34.23 1.11 5.79
N ARG B 205 34.11 -0.06 5.24
CA ARG B 205 35.07 -1.08 5.34
C ARG B 205 35.47 -1.49 3.97
N TYR B 206 34.50 -1.83 3.16
CA TYR B 206 34.72 -2.09 1.72
C TYR B 206 34.09 -1.00 0.88
N ALA B 207 34.82 -0.58 -0.15
CA ALA B 207 34.31 0.37 -1.14
C ALA B 207 34.49 -0.25 -2.52
N PHE B 208 34.13 0.50 -3.56
CA PHE B 208 34.09 -0.06 -4.91
C PHE B 208 34.77 0.85 -5.93
N ALA B 209 35.66 0.28 -6.74
CA ALA B 209 36.26 1.03 -7.82
C ALA B 209 35.56 0.63 -9.11
N MET B 210 35.19 1.60 -9.94
CA MET B 210 34.42 1.29 -11.14
C MET B 210 34.60 2.27 -12.30
N GLU B 211 34.23 1.80 -13.49
CA GLU B 211 34.12 2.63 -14.68
C GLU B 211 32.75 2.38 -15.28
N ARG B 212 32.16 3.41 -15.86
CA ARG B 212 30.82 3.25 -16.45
C ARG B 212 30.87 3.07 -17.96
N ASN B 213 29.96 2.25 -18.47
CA ASN B 213 29.87 1.97 -19.90
C ASN B 213 29.50 3.17 -20.73
N ALA B 214 30.19 3.35 -21.86
CA ALA B 214 29.92 4.44 -22.79
C ALA B 214 29.65 5.76 -22.07
N ALA C 1 -18.17 4.87 26.15
CA ALA C 1 -18.29 4.69 24.71
C ALA C 1 -16.97 5.04 23.96
N PRO C 2 -16.69 4.49 22.80
CA PRO C 2 -15.39 4.73 22.20
C PRO C 2 -15.36 5.96 21.31
N LEU C 3 -14.17 6.43 21.04
CA LEU C 3 -14.00 7.43 20.04
C LEU C 3 -13.83 6.74 18.71
N HIS C 4 -14.69 7.05 17.80
CA HIS C 4 -14.60 6.51 16.49
C HIS C 4 -13.86 7.42 15.56
N LEU C 5 -12.77 6.97 14.95
CA LEU C 5 -12.00 7.78 14.02
C LEU C 5 -12.31 7.61 12.54
N GLY C 6 -13.34 6.87 12.19
CA GLY C 6 -13.79 6.78 10.82
C GLY C 6 -12.73 6.07 10.07
N LYS C 7 -12.25 6.67 9.00
CA LYS C 7 -11.15 6.13 8.23
C LYS C 7 -9.74 6.57 8.61
N CYS C 8 -9.55 7.17 9.76
CA CYS C 8 -8.17 7.54 10.06
C CYS C 8 -7.67 6.80 11.29
N ASN C 9 -6.36 6.85 11.50
CA ASN C 9 -5.78 6.32 12.72
C ASN C 9 -5.49 7.49 13.66
N ILE C 10 -4.93 7.19 14.83
CA ILE C 10 -4.67 8.23 15.81
C ILE C 10 -3.76 9.33 15.27
N ALA C 11 -2.72 8.95 14.54
CA ALA C 11 -1.80 9.93 13.96
C ALA C 11 -2.51 10.94 13.08
N GLY C 12 -3.32 10.46 12.14
CA GLY C 12 -4.04 11.35 11.23
C GLY C 12 -5.02 12.24 11.98
N TRP C 13 -5.71 11.67 12.95
CA TRP C 13 -6.70 12.42 13.72
C TRP C 13 -6.06 13.51 14.58
N ILE C 14 -5.03 13.15 15.33
CA ILE C 14 -4.41 14.08 16.27
C ILE C 14 -3.64 15.21 15.57
N LEU C 15 -3.06 14.91 14.40
CA LEU C 15 -2.38 15.93 13.62
C LEU C 15 -3.36 16.80 12.81
N GLY C 16 -4.55 16.25 12.54
CA GLY C 16 -5.54 16.94 11.74
C GLY C 16 -5.31 16.76 10.25
N ASN C 17 -4.90 15.55 9.85
CA ASN C 17 -4.81 15.21 8.44
C ASN C 17 -6.14 15.60 7.78
N PRO C 18 -6.08 16.31 6.64
CA PRO C 18 -7.29 16.85 6.03
C PRO C 18 -8.33 15.78 5.72
N GLU C 19 -7.90 14.53 5.58
CA GLU C 19 -8.82 13.43 5.30
C GLU C 19 -9.64 13.03 6.52
N CYS C 20 -9.20 13.43 7.68
CA CYS C 20 -9.94 13.29 8.91
C CYS C 20 -10.51 14.69 9.22
N GLU C 21 -11.76 14.96 8.86
CA GLU C 21 -12.32 16.28 9.19
C GLU C 21 -12.52 16.30 10.68
N SER C 22 -13.32 17.27 11.10
CA SER C 22 -13.34 17.76 12.46
C SER C 22 -13.99 16.88 13.51
N LEU C 23 -13.25 15.98 14.15
CA LEU C 23 -13.98 15.24 15.17
C LEU C 23 -13.83 15.84 16.55
N SER C 24 -14.31 17.07 16.70
CA SER C 24 -14.31 17.74 17.99
C SER C 24 -15.67 17.58 18.65
N THR C 25 -16.06 16.33 18.91
CA THR C 25 -17.39 16.06 19.46
C THR C 25 -17.35 15.28 20.79
N ALA C 26 -16.69 14.13 20.80
CA ALA C 26 -16.60 13.33 22.01
C ALA C 26 -15.54 13.91 22.94
N SER C 27 -15.92 14.17 24.18
CA SER C 27 -15.00 14.78 25.14
C SER C 27 -14.47 13.74 26.13
N SER C 28 -14.98 12.52 26.04
CA SER C 28 -14.49 11.42 26.86
C SER C 28 -14.72 10.12 26.15
N TRP C 29 -13.86 9.14 26.40
CA TRP C 29 -14.00 7.82 25.80
C TRP C 29 -13.19 6.80 26.58
N SER C 30 -13.50 5.52 26.37
CA SER C 30 -12.83 4.43 27.09
C SER C 30 -11.74 3.78 26.26
N TYR C 31 -11.84 3.90 24.94
CA TYR C 31 -10.81 3.43 24.03
C TYR C 31 -11.08 3.99 22.64
N ILE C 32 -10.21 3.79 21.68
CA ILE C 32 -10.33 4.43 20.39
C ILE C 32 -10.47 3.40 19.28
N VAL C 33 -11.43 3.58 18.40
CA VAL C 33 -11.58 2.77 17.21
C VAL C 33 -10.93 3.44 16.00
N GLU C 34 -9.89 2.82 15.48
CA GLU C 34 -9.04 3.34 14.43
C GLU C 34 -9.15 2.53 13.17
N THR C 35 -8.76 3.13 12.06
CA THR C 35 -8.71 2.51 10.72
C THR C 35 -7.39 2.71 9.94
N PRO C 36 -7.13 1.90 8.91
CA PRO C 36 -5.87 1.98 8.15
C PRO C 36 -5.83 2.62 6.76
N SER C 37 -4.78 3.29 6.33
CA SER C 37 -3.65 3.49 7.20
C SER C 37 -3.21 4.95 7.21
N SER C 38 -1.93 5.11 7.50
CA SER C 38 -1.20 6.41 7.59
C SER C 38 -0.36 6.91 6.43
N ASP C 39 -0.95 6.74 5.30
CA ASP C 39 -1.10 7.70 4.27
C ASP C 39 -2.12 8.79 4.78
N ASN C 40 -3.21 8.36 5.42
CA ASN C 40 -4.21 9.22 6.09
C ASN C 40 -3.94 9.16 7.58
N GLY C 41 -2.68 8.93 7.91
CA GLY C 41 -2.05 9.30 9.15
C GLY C 41 -1.14 10.47 8.80
N THR C 42 0.11 10.18 8.41
CA THR C 42 1.08 11.20 8.08
C THR C 42 1.17 11.40 6.57
N CYS C 43 0.33 12.29 6.04
CA CYS C 43 0.31 12.55 4.60
C CYS C 43 1.66 13.04 4.11
N TYR C 44 2.34 13.85 4.90
CA TYR C 44 3.72 14.19 4.58
C TYR C 44 4.61 13.15 5.25
N PRO C 45 5.38 12.39 4.44
CA PRO C 45 6.12 11.22 4.95
C PRO C 45 7.12 11.59 6.04
N GLY C 46 7.30 10.68 7.00
CA GLY C 46 8.21 10.91 8.09
C GLY C 46 7.86 10.00 9.25
N ASP C 47 8.55 10.16 10.36
CA ASP C 47 8.32 9.29 11.52
C ASP C 47 7.59 10.03 12.63
N PHE C 48 6.52 9.42 13.14
CA PHE C 48 5.83 9.93 14.30
C PHE C 48 6.53 9.38 15.54
N ILE C 49 7.09 10.28 16.33
CA ILE C 49 7.96 9.90 17.44
C ILE C 49 7.14 9.66 18.71
N ASP C 50 7.59 8.69 19.52
CA ASP C 50 6.88 8.33 20.75
C ASP C 50 5.42 7.99 20.46
N TYR C 51 5.18 7.34 19.33
CA TYR C 51 3.82 7.12 18.86
C TYR C 51 3.02 6.14 19.72
N GLU C 52 3.61 5.00 20.04
CA GLU C 52 2.91 4.03 20.88
C GLU C 52 2.55 4.62 22.24
N GLU C 53 3.47 5.39 22.82
CA GLU C 53 3.21 6.07 24.09
C GLU C 53 2.02 7.00 23.97
N LEU C 54 1.94 7.71 22.86
CA LEU C 54 0.84 8.61 22.61
C LEU C 54 -0.48 7.87 22.55
N ARG C 55 -0.52 6.79 21.80
CA ARG C 55 -1.74 6.00 21.68
C ARG C 55 -2.24 5.57 23.05
N GLU C 56 -1.32 5.10 23.85
CA GLU C 56 -1.57 4.76 25.23
C GLU C 56 -2.11 5.95 26.04
N GLN C 57 -1.48 7.07 25.96
CA GLN C 57 -1.95 8.20 26.67
C GLN C 57 -3.34 8.68 26.26
N LEU C 58 -3.68 8.51 25.00
CA LEU C 58 -4.99 8.92 24.49
C LEU C 58 -6.04 7.82 24.57
N SER C 59 -5.71 6.67 25.08
CA SER C 59 -6.68 5.59 25.00
C SER C 59 -7.92 5.81 25.87
N SER C 60 -7.73 6.22 27.14
CA SER C 60 -8.87 6.43 28.01
C SER C 60 -8.84 7.85 28.60
N VAL C 61 -9.74 8.72 28.16
CA VAL C 61 -9.75 10.09 28.64
C VAL C 61 -11.11 10.55 29.14
N SER C 62 -11.14 11.22 30.28
CA SER C 62 -12.37 11.65 30.96
C SER C 62 -12.78 13.04 30.54
N SER C 63 -11.84 13.76 29.96
CA SER C 63 -12.06 15.13 29.52
C SER C 63 -11.07 15.46 28.40
N PHE C 64 -11.52 16.17 27.38
CA PHE C 64 -10.68 16.40 26.21
C PHE C 64 -11.21 17.59 25.40
N GLU C 65 -10.35 18.55 25.13
CA GLU C 65 -10.73 19.69 24.28
C GLU C 65 -9.58 20.12 23.38
N ARG C 66 -9.91 20.57 22.19
CA ARG C 66 -8.94 21.10 21.27
C ARG C 66 -9.02 22.64 21.33
N PHE C 67 -7.90 23.32 21.42
CA PHE C 67 -7.89 24.77 21.47
C PHE C 67 -6.74 25.33 20.64
N GLU C 68 -6.91 26.56 20.16
CA GLU C 68 -5.90 27.18 19.32
C GLU C 68 -4.78 27.76 20.16
N ILE C 69 -3.76 26.94 20.45
CA ILE C 69 -2.67 27.34 21.33
C ILE C 69 -1.91 28.54 20.78
N PHE C 70 -1.66 28.54 19.49
CA PHE C 70 -0.99 29.65 18.80
C PHE C 70 -1.84 30.12 17.63
N PRO C 71 -2.73 31.10 17.87
CA PRO C 71 -3.63 31.58 16.83
C PRO C 71 -2.89 31.92 15.54
N LYS C 72 -3.34 31.43 14.43
CA LYS C 72 -2.70 31.63 13.15
C LYS C 72 -2.49 33.08 12.79
N THR C 73 -3.55 33.86 12.94
CA THR C 73 -3.55 35.23 12.44
C THR C 73 -2.64 36.20 13.19
N SER C 74 -2.30 35.88 14.43
CA SER C 74 -1.56 36.82 15.26
C SER C 74 -0.24 36.33 15.84
N SER C 75 0.01 35.02 15.76
CA SER C 75 1.17 34.44 16.42
C SER C 75 2.51 34.66 15.69
N TRP C 76 2.47 34.85 14.37
CA TRP C 76 3.68 34.80 13.54
C TRP C 76 3.82 36.00 12.61
N PRO C 77 3.97 37.21 13.17
CA PRO C 77 4.02 38.43 12.36
C PRO C 77 5.23 38.49 11.45
N ASN C 78 6.31 37.79 11.79
CA ASN C 78 7.56 37.90 11.04
C ASN C 78 7.88 36.69 10.16
N HIS C 79 6.90 35.79 10.01
CA HIS C 79 7.08 34.61 9.18
C HIS C 79 5.83 34.42 8.31
N ASP C 80 5.94 33.61 7.26
CA ASP C 80 4.79 33.36 6.39
C ASP C 80 4.05 32.11 6.85
N SER C 81 2.79 32.29 7.23
CA SER C 81 1.98 31.17 7.69
C SER C 81 0.91 30.76 6.66
N ASN C 82 1.05 31.25 5.43
CA ASN C 82 0.09 30.94 4.37
C ASN C 82 0.58 30.02 3.25
N LYS C 83 1.88 29.80 3.19
CA LYS C 83 2.43 29.12 2.06
C LYS C 83 2.71 27.65 2.28
N GLY C 84 2.53 27.17 3.51
CA GLY C 84 2.94 25.84 3.91
C GLY C 84 1.94 24.74 3.57
N VAL C 85 1.67 24.57 2.28
CA VAL C 85 0.80 23.48 1.84
C VAL C 85 1.55 22.57 0.88
N THR C 86 1.04 21.37 0.69
CA THR C 86 1.76 20.37 -0.10
C THR C 86 0.83 19.42 -0.83
N ALA C 87 1.27 18.94 -1.98
CA ALA C 87 0.51 17.99 -2.78
C ALA C 87 0.39 16.65 -2.06
N ALA C 88 1.25 16.43 -1.05
CA ALA C 88 1.23 15.19 -0.29
C ALA C 88 0.03 15.16 0.66
N CYS C 89 -0.53 16.32 0.93
CA CYS C 89 -1.66 16.46 1.84
C CYS C 89 -2.81 17.20 1.18
N PRO C 90 -3.42 16.58 0.15
CA PRO C 90 -4.45 17.28 -0.61
C PRO C 90 -5.78 17.34 0.14
N HIS C 91 -6.54 18.40 -0.09
CA HIS C 91 -7.91 18.47 0.38
C HIS C 91 -8.77 19.15 -0.68
N ALA C 92 -9.82 18.46 -1.11
CA ALA C 92 -10.70 18.98 -2.15
C ALA C 92 -9.93 19.27 -3.43
N GLY C 93 -9.01 18.35 -3.70
CA GLY C 93 -8.12 18.44 -4.83
C GLY C 93 -6.90 19.32 -4.70
N ALA C 94 -6.96 20.32 -3.84
CA ALA C 94 -5.96 21.35 -3.74
C ALA C 94 -4.91 21.05 -2.68
N LYS C 95 -3.73 21.60 -2.83
CA LYS C 95 -2.71 21.37 -1.87
C LYS C 95 -3.19 21.82 -0.51
N SER C 96 -2.82 21.07 0.50
CA SER C 96 -3.23 21.44 1.86
C SER C 96 -2.20 20.98 2.88
N PHE C 97 -2.63 20.85 4.13
CA PHE C 97 -1.72 20.46 5.20
C PHE C 97 -2.53 20.11 6.44
N TYR C 98 -1.84 19.57 7.46
CA TYR C 98 -2.47 19.27 8.73
C TYR C 98 -3.20 20.47 9.30
N LYS C 99 -4.39 20.22 9.86
CA LYS C 99 -5.19 21.27 10.47
C LYS C 99 -4.53 21.84 11.72
N ASN C 100 -3.86 20.97 12.48
CA ASN C 100 -3.43 21.36 13.82
C ASN C 100 -2.02 21.93 13.91
N LEU C 101 -1.34 21.99 12.76
CA LEU C 101 0.01 22.53 12.68
C LEU C 101 0.10 23.57 11.57
N ILE C 102 1.09 24.43 11.66
CA ILE C 102 1.41 25.34 10.59
C ILE C 102 2.85 25.18 10.09
N TRP C 103 2.99 25.02 8.80
CA TRP C 103 4.31 24.91 8.19
C TRP C 103 4.81 26.31 7.88
N LEU C 104 5.50 26.94 8.82
CA LEU C 104 6.03 28.28 8.64
C LEU C 104 7.19 28.31 7.69
N VAL C 105 7.17 29.24 6.76
CA VAL C 105 8.29 29.44 5.84
C VAL C 105 8.73 30.90 5.90
N LYS C 106 9.80 31.22 5.18
CA LYS C 106 10.35 32.58 5.22
C LYS C 106 9.39 33.61 4.64
N LYS C 107 9.51 34.84 5.13
CA LYS C 107 8.78 35.97 4.61
C LYS C 107 9.75 36.79 3.76
N GLY C 108 9.54 36.81 2.45
CA GLY C 108 10.50 37.40 1.54
C GLY C 108 11.78 36.58 1.52
N ASN C 109 12.90 37.20 1.87
CA ASN C 109 14.17 36.49 1.93
C ASN C 109 14.75 36.44 3.33
N SER C 110 13.88 36.46 4.34
CA SER C 110 14.35 36.42 5.72
C SER C 110 13.52 35.51 6.60
N TYR C 111 14.20 34.76 7.45
CA TYR C 111 13.54 33.93 8.45
C TYR C 111 14.18 34.25 9.79
N PRO C 112 13.56 35.18 10.53
CA PRO C 112 14.11 35.65 11.81
C PRO C 112 14.07 34.52 12.82
N LYS C 113 14.90 34.60 13.84
CA LYS C 113 14.84 33.64 14.93
C LYS C 113 13.44 33.70 15.51
N LEU C 114 12.74 32.58 15.55
CA LEU C 114 11.42 32.61 16.15
C LEU C 114 11.49 32.17 17.60
N SER C 115 10.63 32.76 18.40
CA SER C 115 10.62 32.51 19.83
C SER C 115 9.19 32.66 20.30
N LYS C 116 8.59 31.58 20.77
CA LYS C 116 7.19 31.60 21.18
C LYS C 116 6.99 30.69 22.39
N SER C 117 6.25 31.17 23.38
N SER C 117 6.24 31.17 23.37
CA SER C 117 6.01 30.38 24.59
CA SER C 117 6.00 30.39 24.58
C SER C 117 4.53 30.30 24.92
C SER C 117 4.52 30.26 24.86
N TYR C 118 4.15 29.23 25.61
CA TYR C 118 2.79 29.04 26.06
C TYR C 118 2.82 28.60 27.51
N ILE C 119 2.07 29.29 28.36
CA ILE C 119 1.90 28.86 29.75
C ILE C 119 0.58 28.12 29.89
N ASN C 120 0.63 26.94 30.50
CA ASN C 120 -0.57 26.15 30.67
C ASN C 120 -1.47 26.71 31.77
N ASP C 121 -2.48 27.40 31.29
CA ASP C 121 -3.52 28.00 32.09
C ASP C 121 -4.84 27.26 32.02
N LYS C 122 -4.77 25.95 31.84
CA LYS C 122 -5.97 25.16 31.60
C LYS C 122 -6.43 24.35 32.81
N GLY C 123 -5.58 24.25 33.82
CA GLY C 123 -5.91 23.49 35.01
C GLY C 123 -5.80 21.99 34.81
N LYS C 124 -5.37 21.61 33.62
CA LYS C 124 -5.09 20.25 33.32
C LYS C 124 -3.99 20.06 32.27
N GLU C 125 -3.51 18.86 32.08
CA GLU C 125 -2.43 18.64 31.17
C GLU C 125 -2.75 19.08 29.78
N VAL C 126 -1.76 19.59 29.09
CA VAL C 126 -1.95 20.01 27.70
C VAL C 126 -1.02 19.22 26.80
N LEU C 127 -1.60 18.61 25.78
CA LEU C 127 -0.84 17.86 24.78
C LEU C 127 -0.46 18.79 23.64
N VAL C 128 0.83 18.98 23.42
CA VAL C 128 1.29 19.85 22.35
C VAL C 128 2.10 19.05 21.34
N LEU C 129 1.79 19.21 20.06
CA LEU C 129 2.48 18.50 18.99
C LEU C 129 3.13 19.49 18.02
N TRP C 130 4.23 19.08 17.43
CA TRP C 130 4.91 19.91 16.43
C TRP C 130 5.66 18.99 15.48
N GLY C 131 6.16 19.56 14.39
CA GLY C 131 6.95 18.80 13.45
C GLY C 131 8.29 19.44 13.17
N ILE C 132 9.23 18.63 12.73
CA ILE C 132 10.52 19.13 12.25
C ILE C 132 10.64 18.74 10.78
N HIS C 133 10.87 19.71 9.91
CA HIS C 133 10.97 19.41 8.48
C HIS C 133 12.42 19.18 8.03
N HIS C 134 12.64 18.09 7.32
CA HIS C 134 13.95 17.77 6.77
C HIS C 134 13.89 17.85 5.25
N PRO C 135 14.36 18.97 4.68
CA PRO C 135 14.28 19.16 3.22
C PRO C 135 15.13 18.15 2.47
N SER C 136 14.85 17.99 1.17
CA SER C 136 15.55 17.01 0.36
C SER C 136 16.91 17.52 -0.09
N THR C 137 17.02 18.83 -0.29
CA THR C 137 18.24 19.45 -0.80
C THR C 137 18.57 20.76 -0.10
N SER C 138 19.84 21.16 -0.17
CA SER C 138 20.24 22.43 0.42
C SER C 138 19.52 23.59 -0.26
N ALA C 139 19.21 23.43 -1.55
CA ALA C 139 18.48 24.45 -2.28
C ALA C 139 17.07 24.61 -1.73
N ASP C 140 16.41 23.49 -1.46
CA ASP C 140 15.08 23.52 -0.84
C ASP C 140 15.11 24.14 0.55
N GLN C 141 16.17 23.84 1.31
CA GLN C 141 16.35 24.41 2.63
C GLN C 141 16.37 25.94 2.54
N GLN C 142 17.14 26.46 1.59
CA GLN C 142 17.25 27.91 1.42
C GLN C 142 15.95 28.51 0.91
N SER C 143 15.29 27.78 0.03
CA SER C 143 14.06 28.23 -0.55
C SER C 143 12.97 28.41 0.49
N LEU C 144 12.94 27.53 1.47
CA LEU C 144 11.91 27.54 2.50
C LEU C 144 12.27 28.44 3.69
N TYR C 145 13.52 28.36 4.14
CA TYR C 145 13.89 28.99 5.41
C TYR C 145 14.88 30.13 5.21
N GLN C 146 15.68 30.05 4.16
CA GLN C 146 16.69 31.06 3.85
C GLN C 146 18.00 30.92 4.63
N ASN C 147 17.94 30.23 5.77
CA ASN C 147 19.09 30.05 6.64
C ASN C 147 19.58 28.64 6.31
N ALA C 148 20.89 28.48 6.15
CA ALA C 148 21.47 27.20 5.73
C ALA C 148 21.67 26.23 6.90
N ASP C 149 22.10 26.71 8.04
CA ASP C 149 22.43 25.80 9.12
C ASP C 149 21.53 26.10 10.31
N THR C 150 20.41 25.45 10.44
CA THR C 150 19.37 25.88 11.36
C THR C 150 19.23 24.94 12.58
N TYR C 151 18.46 25.34 13.58
CA TYR C 151 18.15 24.48 14.70
C TYR C 151 16.75 24.79 15.19
N VAL C 152 16.22 23.88 15.97
CA VAL C 152 14.99 24.05 16.69
C VAL C 152 15.24 23.66 18.15
N PHE C 153 14.67 24.41 19.07
CA PHE C 153 14.74 24.01 20.45
C PHE C 153 13.34 24.07 21.04
N VAL C 154 12.97 23.03 21.77
CA VAL C 154 11.69 23.01 22.48
C VAL C 154 11.97 22.62 23.92
N GLY C 155 11.43 23.39 24.86
CA GLY C 155 11.72 23.13 26.25
C GLY C 155 10.59 23.49 27.21
N SER C 156 10.50 22.73 28.29
CA SER C 156 9.61 23.05 29.40
C SER C 156 10.34 22.64 30.67
N SER C 157 9.65 22.64 31.79
CA SER C 157 10.26 22.23 33.05
C SER C 157 10.60 20.74 33.05
N ARG C 158 9.93 20.01 32.20
CA ARG C 158 10.04 18.59 32.16
C ARG C 158 10.59 18.04 30.83
N TYR C 159 10.81 18.93 29.88
CA TYR C 159 11.21 18.55 28.53
C TYR C 159 12.26 19.50 27.98
N SER C 160 13.25 18.95 27.28
CA SER C 160 14.29 19.77 26.67
C SER C 160 14.93 19.04 25.50
N LYS C 161 14.81 19.59 24.30
CA LYS C 161 15.36 18.94 23.12
C LYS C 161 15.78 19.94 22.06
N LYS C 162 16.96 19.73 21.48
CA LYS C 162 17.43 20.52 20.36
C LYS C 162 17.38 19.67 19.10
N PHE C 163 16.88 20.23 18.00
CA PHE C 163 16.69 19.49 16.75
C PHE C 163 17.55 20.10 15.66
N LYS C 164 18.20 19.24 14.87
CA LYS C 164 18.95 19.69 13.71
C LYS C 164 18.40 19.01 12.47
N PRO C 165 17.99 19.79 11.47
CA PRO C 165 17.44 19.22 10.24
C PRO C 165 18.50 18.41 9.50
N GLU C 166 18.08 17.35 8.90
CA GLU C 166 18.95 16.58 8.10
C GLU C 166 18.52 16.66 6.64
N ILE C 167 19.29 17.40 5.88
CA ILE C 167 18.98 17.63 4.47
C ILE C 167 19.49 16.46 3.64
N ALA C 168 18.58 15.78 2.94
CA ALA C 168 18.94 14.57 2.21
C ALA C 168 17.80 14.10 1.30
N ILE C 169 18.15 13.44 0.20
CA ILE C 169 17.16 12.88 -0.71
C ILE C 169 16.75 11.47 -0.28
N ARG C 170 15.58 11.36 0.34
CA ARG C 170 15.01 10.06 0.69
C ARG C 170 14.23 9.50 -0.50
N PRO C 171 13.88 8.21 -0.45
CA PRO C 171 13.05 7.63 -1.51
C PRO C 171 11.74 8.41 -1.61
N LYS C 172 11.29 8.65 -2.81
CA LYS C 172 10.09 9.43 -3.04
C LYS C 172 8.86 8.74 -2.47
N VAL C 173 8.16 9.42 -1.60
CA VAL C 173 6.90 8.90 -1.06
C VAL C 173 5.85 10.00 -1.17
N ARG C 174 4.74 9.69 -1.83
CA ARG C 174 3.74 10.70 -2.15
C ARG C 174 4.42 11.93 -2.76
N ASP C 175 5.40 11.64 -3.61
CA ASP C 175 6.13 12.64 -4.38
C ASP C 175 7.08 13.50 -3.54
N GLN C 176 7.34 13.07 -2.31
CA GLN C 176 8.22 13.84 -1.43
C GLN C 176 9.55 13.11 -1.19
N GLU C 177 10.65 13.81 -1.40
CA GLU C 177 11.97 13.24 -1.10
C GLU C 177 12.46 13.80 0.24
N GLY C 178 11.76 14.80 0.74
CA GLY C 178 12.02 15.31 2.08
C GLY C 178 11.22 14.50 3.10
N ARG C 179 11.40 14.80 4.38
CA ARG C 179 10.68 14.12 5.44
C ARG C 179 10.26 15.08 6.54
N MET C 180 9.25 14.69 7.31
CA MET C 180 8.79 15.48 8.44
C MET C 180 8.61 14.54 9.63
N ASN C 181 9.33 14.80 10.72
CA ASN C 181 9.12 14.02 11.94
C ASN C 181 8.14 14.75 12.88
N TYR C 182 7.33 13.98 13.60
CA TYR C 182 6.29 14.55 14.45
C TYR C 182 6.57 14.24 15.92
N TYR C 183 6.54 15.29 16.74
CA TYR C 183 6.88 15.18 18.15
C TYR C 183 5.74 15.70 19.02
N TRP C 184 5.75 15.32 20.28
CA TRP C 184 4.74 15.81 21.22
C TRP C 184 5.26 15.76 22.64
N THR C 185 4.60 16.49 23.52
CA THR C 185 4.90 16.39 24.93
C THR C 185 3.69 16.85 25.73
N LEU C 186 3.67 16.53 27.00
CA LEU C 186 2.57 16.96 27.87
C LEU C 186 3.09 18.06 28.76
N VAL C 187 2.36 19.17 28.80
CA VAL C 187 2.75 20.32 29.62
C VAL C 187 1.88 20.35 30.87
N GLU C 188 2.52 20.32 32.03
CA GLU C 188 1.81 20.31 33.30
C GLU C 188 1.13 21.65 33.58
N PRO C 189 0.02 21.62 34.32
CA PRO C 189 -0.62 22.87 34.73
C PRO C 189 0.37 23.83 35.37
N GLY C 190 0.42 25.05 34.86
CA GLY C 190 1.30 26.07 35.40
C GLY C 190 2.66 26.13 34.74
N ASP C 191 3.00 25.11 33.96
CA ASP C 191 4.31 25.07 33.34
C ASP C 191 4.33 25.84 32.02
N LYS C 192 5.52 26.13 31.53
CA LYS C 192 5.67 26.88 30.30
C LYS C 192 6.44 26.08 29.27
N ILE C 193 5.95 26.06 28.03
CA ILE C 193 6.70 25.42 26.96
C ILE C 193 7.18 26.50 25.98
N THR C 194 8.46 26.42 25.61
CA THR C 194 9.03 27.42 24.72
C THR C 194 9.50 26.79 23.42
N PHE C 195 9.27 27.49 22.31
CA PHE C 195 9.73 27.05 21.01
C PHE C 195 10.72 28.07 20.47
N GLU C 196 11.83 27.60 19.91
CA GLU C 196 12.81 28.48 19.33
C GLU C 196 13.36 27.86 18.05
N ALA C 197 13.49 28.65 16.99
CA ALA C 197 13.93 28.08 15.73
C ALA C 197 14.50 29.11 14.77
N THR C 198 15.47 28.67 13.97
CA THR C 198 15.97 29.49 12.87
C THR C 198 15.55 28.87 11.54
N GLY C 199 14.68 27.87 11.63
CA GLY C 199 14.09 27.24 10.45
C GLY C 199 13.48 25.90 10.80
N ASN C 200 12.76 25.32 9.83
CA ASN C 200 12.39 23.90 9.86
C ASN C 200 11.37 23.49 10.92
N LEU C 201 10.72 24.45 11.55
CA LEU C 201 9.76 24.14 12.59
C LEU C 201 8.34 24.19 12.06
N VAL C 202 7.64 23.06 12.15
CA VAL C 202 6.23 23.01 11.85
C VAL C 202 5.53 23.27 13.18
N VAL C 203 5.08 24.51 13.37
CA VAL C 203 4.61 24.97 14.69
C VAL C 203 3.24 24.44 15.05
N PRO C 204 2.98 24.33 16.36
CA PRO C 204 1.61 23.99 16.79
C PRO C 204 0.67 25.11 16.38
N ARG C 205 -0.51 24.77 15.95
CA ARG C 205 -1.59 25.70 15.85
C ARG C 205 -2.71 25.37 16.87
N TYR C 206 -3.15 24.12 16.87
CA TYR C 206 -4.08 23.60 17.87
C TYR C 206 -3.39 22.59 18.77
N ALA C 207 -3.70 22.64 20.06
CA ALA C 207 -3.23 21.66 21.03
C ALA C 207 -4.43 21.13 21.80
N PHE C 208 -4.19 20.24 22.76
CA PHE C 208 -5.29 19.57 23.43
C PHE C 208 -5.14 19.59 24.95
N ALA C 209 -6.21 19.96 25.64
CA ALA C 209 -6.23 19.87 27.10
C ALA C 209 -7.00 18.62 27.49
N MET C 210 -6.49 17.86 28.44
CA MET C 210 -7.14 16.60 28.78
C MET C 210 -6.91 16.13 30.22
N GLU C 211 -7.79 15.23 30.66
CA GLU C 211 -7.60 14.48 31.89
C GLU C 211 -7.76 13.00 31.55
N ARG C 212 -6.97 12.16 32.18
CA ARG C 212 -7.11 10.71 32.01
C ARG C 212 -7.99 9.98 33.01
N ASN C 213 -8.71 8.98 32.51
CA ASN C 213 -9.60 8.19 33.35
C ASN C 213 -8.87 7.39 34.42
N ALA C 214 -9.42 7.40 35.63
CA ALA C 214 -8.86 6.65 36.75
C ALA C 214 -7.34 6.74 36.81
N ALA D 1 -45.75 -17.02 10.03
CA ALA D 1 -45.89 -17.51 8.69
C ALA D 1 -44.71 -17.11 7.83
N PRO D 2 -44.40 -17.88 6.81
CA PRO D 2 -43.32 -17.52 5.91
C PRO D 2 -43.69 -16.44 4.92
N LEU D 3 -42.68 -15.88 4.27
CA LEU D 3 -42.85 -14.95 3.17
C LEU D 3 -42.65 -15.67 1.85
N HIS D 4 -43.62 -15.63 0.97
CA HIS D 4 -43.49 -16.16 -0.39
C HIS D 4 -43.15 -15.08 -1.39
N LEU D 5 -41.99 -15.20 -2.02
CA LEU D 5 -41.37 -14.33 -3.02
C LEU D 5 -41.87 -14.60 -4.44
N GLY D 6 -42.74 -15.58 -4.56
CA GLY D 6 -43.42 -15.84 -5.80
C GLY D 6 -42.62 -16.42 -6.91
N LYS D 7 -41.86 -15.59 -7.58
CA LYS D 7 -41.11 -16.06 -8.69
C LYS D 7 -39.65 -15.61 -8.70
N CYS D 8 -39.15 -15.30 -7.52
CA CYS D 8 -37.79 -14.81 -7.37
C CYS D 8 -37.15 -15.38 -6.12
N ASN D 9 -35.84 -15.24 -6.03
CA ASN D 9 -35.13 -15.57 -4.80
C ASN D 9 -34.87 -14.29 -4.02
N ILE D 10 -34.23 -14.43 -2.87
CA ILE D 10 -33.97 -13.26 -2.02
C ILE D 10 -33.20 -12.15 -2.74
N ALA D 11 -32.18 -12.54 -3.51
CA ALA D 11 -31.37 -11.57 -4.24
C ALA D 11 -32.23 -10.71 -5.18
N GLY D 12 -33.07 -11.34 -5.98
CA GLY D 12 -33.90 -10.61 -6.92
C GLY D 12 -34.91 -9.72 -6.21
N TRP D 13 -35.51 -10.24 -5.15
CA TRP D 13 -36.49 -9.48 -4.37
C TRP D 13 -35.88 -8.27 -3.68
N ILE D 14 -34.77 -8.49 -2.97
CA ILE D 14 -34.17 -7.41 -2.18
C ILE D 14 -33.54 -6.30 -3.03
N LEU D 15 -33.04 -6.67 -4.22
CA LEU D 15 -32.48 -5.68 -5.14
C LEU D 15 -33.57 -4.99 -5.94
N GLY D 16 -34.73 -5.64 -6.07
CA GLY D 16 -35.81 -5.11 -6.87
C GLY D 16 -35.69 -5.43 -8.34
N ASN D 17 -35.19 -6.62 -8.65
CA ASN D 17 -35.17 -7.12 -10.02
C ASN D 17 -36.56 -6.90 -10.60
N PRO D 18 -36.65 -6.29 -11.79
CA PRO D 18 -37.94 -5.93 -12.38
C PRO D 18 -38.91 -7.12 -12.50
N GLU D 19 -38.39 -8.33 -12.54
CA GLU D 19 -39.23 -9.51 -12.65
C GLU D 19 -39.93 -9.85 -11.35
N CYS D 20 -39.41 -9.33 -10.25
CA CYS D 20 -39.98 -9.58 -8.94
C CYS D 20 -40.87 -8.42 -8.52
N GLU D 21 -42.03 -8.75 -7.97
CA GLU D 21 -42.90 -7.72 -7.42
C GLU D 21 -42.21 -7.10 -6.22
N SER D 22 -42.24 -5.77 -6.14
CA SER D 22 -41.61 -5.06 -5.02
C SER D 22 -42.12 -5.65 -3.71
N LEU D 23 -43.24 -6.36 -3.79
CA LEU D 23 -43.84 -7.05 -2.65
C LEU D 23 -43.78 -6.34 -1.30
N SER D 24 -44.11 -5.06 -1.30
CA SER D 24 -44.18 -4.29 -0.08
C SER D 24 -45.48 -4.47 0.69
N THR D 25 -45.75 -5.70 1.12
CA THR D 25 -47.01 -6.01 1.79
C THR D 25 -46.82 -6.64 3.18
N ALA D 26 -46.01 -7.68 3.41
CA ALA D 26 -45.89 -8.19 4.79
C ALA D 26 -44.77 -7.59 5.61
N SER D 27 -44.99 -7.32 6.87
CA SER D 27 -44.05 -6.63 7.68
C SER D 27 -43.33 -7.55 8.65
N SER D 28 -43.80 -8.78 8.71
CA SER D 28 -43.23 -9.79 9.54
C SER D 28 -43.41 -11.09 8.86
N TRP D 29 -42.46 -11.91 9.12
CA TRP D 29 -42.52 -13.28 8.66
C TRP D 29 -41.58 -14.16 9.46
N SER D 30 -41.80 -15.47 9.40
CA SER D 30 -41.02 -16.41 10.18
C SER D 30 -39.92 -17.05 9.35
N TYR D 31 -40.07 -17.24 8.06
CA TYR D 31 -38.98 -17.54 7.12
C TYR D 31 -39.44 -17.21 5.71
N ILE D 32 -38.59 -17.35 4.74
CA ILE D 32 -38.83 -16.95 3.36
C ILE D 32 -38.87 -18.14 2.41
N VAL D 33 -39.92 -18.18 1.58
CA VAL D 33 -40.05 -19.21 0.55
C VAL D 33 -39.57 -18.63 -0.78
N GLU D 34 -38.46 -19.16 -1.28
CA GLU D 34 -37.86 -18.66 -2.50
C GLU D 34 -38.17 -19.53 -3.71
N THR D 35 -38.22 -18.87 -4.88
CA THR D 35 -38.42 -19.49 -6.18
C THR D 35 -37.35 -18.97 -7.14
N PRO D 36 -36.28 -19.72 -7.32
CA PRO D 36 -35.21 -19.30 -8.20
C PRO D 36 -35.65 -18.97 -9.61
N SER D 37 -34.93 -18.05 -10.19
CA SER D 37 -35.24 -17.64 -11.56
C SER D 37 -34.00 -17.79 -12.44
N SER D 38 -34.18 -17.67 -13.73
CA SER D 38 -33.12 -17.75 -14.69
C SER D 38 -31.93 -16.87 -14.39
N ASP D 39 -32.14 -15.64 -14.00
CA ASP D 39 -30.98 -14.80 -13.69
C ASP D 39 -30.46 -14.90 -12.28
N ASN D 40 -31.03 -15.78 -11.51
CA ASN D 40 -30.63 -15.92 -10.13
C ASN D 40 -30.86 -14.60 -9.36
N GLY D 41 -31.87 -13.78 -9.68
CA GLY D 41 -31.99 -12.56 -8.91
C GLY D 41 -31.13 -11.44 -9.45
N THR D 42 -29.92 -11.76 -9.93
CA THR D 42 -29.02 -10.73 -10.43
C THR D 42 -29.04 -10.65 -11.96
N CYS D 43 -30.01 -9.90 -12.49
CA CYS D 43 -30.13 -9.78 -13.94
C CYS D 43 -28.86 -9.25 -14.59
N TYR D 44 -28.20 -8.30 -13.94
CA TYR D 44 -26.86 -7.93 -14.40
C TYR D 44 -25.86 -8.84 -13.68
N PRO D 45 -25.12 -9.64 -14.46
CA PRO D 45 -24.25 -10.68 -13.89
C PRO D 45 -23.20 -10.13 -12.92
N GLY D 46 -22.88 -10.90 -11.90
CA GLY D 46 -21.92 -10.49 -10.90
C GLY D 46 -22.14 -11.29 -9.63
N ASP D 47 -21.39 -10.96 -8.59
CA ASP D 47 -21.46 -11.72 -7.35
C ASP D 47 -22.17 -10.92 -6.26
N PHE D 48 -23.15 -11.56 -5.62
CA PHE D 48 -23.81 -10.97 -4.47
C PHE D 48 -22.98 -11.32 -3.23
N ILE D 49 -22.44 -10.30 -2.57
CA ILE D 49 -21.48 -10.50 -1.50
C ILE D 49 -22.16 -10.67 -0.14
N ASP D 50 -21.59 -11.51 0.72
CA ASP D 50 -22.18 -11.80 2.03
C ASP D 50 -23.62 -12.26 1.90
N TYR D 51 -23.89 -13.05 0.85
CA TYR D 51 -25.26 -13.42 0.52
C TYR D 51 -25.91 -14.34 1.54
N GLU D 52 -25.19 -15.39 1.93
CA GLU D 52 -25.77 -16.32 2.90
C GLU D 52 -26.08 -15.61 4.22
N GLU D 53 -25.18 -14.72 4.64
CA GLU D 53 -25.41 -13.94 5.84
C GLU D 53 -26.68 -13.08 5.73
N LEU D 54 -26.90 -12.50 4.58
CA LEU D 54 -28.07 -11.72 4.33
C LEU D 54 -29.36 -12.56 4.44
N ARG D 55 -29.33 -13.73 3.83
CA ARG D 55 -30.49 -14.62 3.86
C ARG D 55 -30.86 -14.91 5.31
N GLU D 56 -29.88 -15.00 6.18
CA GLU D 56 -30.09 -15.28 7.61
C GLU D 56 -30.59 -14.07 8.34
N GLN D 57 -30.05 -12.97 7.98
CA GLN D 57 -30.51 -11.67 8.49
C GLN D 57 -31.97 -11.42 8.16
N LEU D 58 -32.41 -11.89 7.01
CA LEU D 58 -33.78 -11.66 6.56
C LEU D 58 -34.72 -12.83 6.84
N SER D 59 -34.23 -13.85 7.54
CA SER D 59 -35.02 -15.08 7.69
C SER D 59 -36.27 -14.89 8.54
N SER D 60 -36.09 -14.16 9.67
CA SER D 60 -37.19 -13.96 10.63
C SER D 60 -37.45 -12.52 11.18
N VAL D 61 -38.35 -11.81 10.59
CA VAL D 61 -38.42 -10.42 10.81
C VAL D 61 -39.73 -10.08 11.55
N SER D 62 -39.69 -9.20 12.53
CA SER D 62 -40.90 -8.80 13.26
C SER D 62 -41.44 -7.49 12.73
N SER D 63 -40.60 -6.70 12.08
CA SER D 63 -41.10 -5.55 11.36
C SER D 63 -40.14 -5.20 10.24
N PHE D 64 -40.64 -4.64 9.18
CA PHE D 64 -39.91 -4.47 7.93
C PHE D 64 -40.58 -3.43 7.05
N GLU D 65 -39.83 -2.42 6.62
CA GLU D 65 -40.33 -1.41 5.75
C GLU D 65 -39.32 -0.98 4.71
N ARG D 66 -39.73 -0.70 3.49
CA ARG D 66 -38.86 -0.21 2.46
C ARG D 66 -39.06 1.30 2.40
N PHE D 67 -38.00 2.05 2.27
CA PHE D 67 -38.11 3.51 2.17
C PHE D 67 -37.07 4.05 1.21
N GLU D 68 -37.37 5.20 0.61
CA GLU D 68 -36.46 5.81 -0.35
C GLU D 68 -35.33 6.55 0.36
N ILE D 69 -34.26 5.85 0.65
CA ILE D 69 -33.14 6.41 1.40
C ILE D 69 -32.50 7.60 0.69
N PHE D 70 -32.33 7.49 -0.62
CA PHE D 70 -31.81 8.58 -1.46
C PHE D 70 -32.79 8.85 -2.61
N PRO D 71 -33.71 9.79 -2.40
CA PRO D 71 -34.73 10.09 -3.42
C PRO D 71 -34.11 10.35 -4.78
N LYS D 72 -34.62 9.69 -5.82
CA LYS D 72 -34.05 9.78 -7.16
C LYS D 72 -34.00 11.21 -7.68
N THR D 73 -35.10 11.94 -7.51
CA THR D 73 -35.24 13.25 -8.16
C THR D 73 -34.34 14.35 -7.58
N SER D 74 -33.90 14.19 -6.33
CA SER D 74 -33.19 15.28 -5.68
C SER D 74 -31.78 14.92 -5.16
N SER D 75 -31.43 13.65 -5.15
CA SER D 75 -30.18 13.22 -4.51
C SER D 75 -28.92 13.46 -5.36
N TRP D 76 -29.07 13.48 -6.68
CA TRP D 76 -27.93 13.44 -7.57
C TRP D 76 -27.95 14.53 -8.64
N PRO D 77 -27.85 15.80 -8.22
CA PRO D 77 -27.96 16.92 -9.16
C PRO D 77 -26.81 16.97 -10.16
N ASN D 78 -25.66 16.39 -9.83
CA ASN D 78 -24.49 16.51 -10.69
C ASN D 78 -24.14 15.23 -11.46
N HIS D 79 -25.04 14.26 -11.45
CA HIS D 79 -24.84 13.01 -12.17
C HIS D 79 -26.11 12.65 -12.90
N ASP D 80 -26.01 11.74 -13.87
CA ASP D 80 -27.18 11.33 -14.62
C ASP D 80 -27.80 10.07 -13.99
N SER D 81 -29.04 10.21 -13.53
CA SER D 81 -29.73 9.10 -12.89
C SER D 81 -30.82 8.50 -13.78
N ASN D 82 -30.82 8.87 -15.06
CA ASN D 82 -31.83 8.38 -16.01
C ASN D 82 -31.33 7.39 -17.06
N LYS D 83 -30.02 7.28 -17.23
CA LYS D 83 -29.46 6.49 -18.34
C LYS D 83 -29.09 5.06 -17.95
N GLY D 84 -29.17 4.74 -16.66
CA GLY D 84 -28.63 3.49 -16.16
C GLY D 84 -29.55 2.30 -16.30
N VAL D 85 -29.91 1.97 -17.55
CA VAL D 85 -30.71 0.78 -17.82
C VAL D 85 -29.95 -0.17 -18.74
N THR D 86 -30.38 -1.43 -18.79
CA THR D 86 -29.62 -2.43 -19.51
C THR D 86 -30.52 -3.52 -20.08
N ALA D 87 -30.11 -4.10 -21.21
CA ALA D 87 -30.85 -5.19 -21.83
C ALA D 87 -30.82 -6.45 -20.96
N ALA D 88 -29.89 -6.49 -20.01
CA ALA D 88 -29.76 -7.64 -19.12
C ALA D 88 -30.89 -7.66 -18.10
N CYS D 89 -31.53 -6.51 -17.90
CA CYS D 89 -32.59 -6.36 -16.92
C CYS D 89 -33.84 -5.78 -17.58
N PRO D 90 -34.45 -6.55 -18.49
CA PRO D 90 -35.60 -6.02 -19.24
C PRO D 90 -36.86 -5.97 -18.39
N HIS D 91 -37.73 -5.02 -18.69
CA HIS D 91 -39.06 -4.99 -18.11
C HIS D 91 -40.04 -4.48 -19.16
N ALA D 92 -41.06 -5.30 -19.45
CA ALA D 92 -42.04 -4.94 -20.46
C ALA D 92 -41.38 -4.73 -21.83
N GLY D 93 -40.37 -5.55 -22.11
CA GLY D 93 -39.71 -5.50 -23.41
C GLY D 93 -38.79 -4.31 -23.63
N ALA D 94 -38.56 -3.52 -22.58
CA ALA D 94 -37.64 -2.40 -22.67
C ALA D 94 -36.50 -2.55 -21.66
N LYS D 95 -35.36 -1.95 -21.97
CA LYS D 95 -34.23 -1.98 -21.06
C LYS D 95 -34.66 -1.39 -19.71
N SER D 96 -34.34 -2.07 -18.62
CA SER D 96 -34.63 -1.59 -17.30
C SER D 96 -33.46 -1.86 -16.31
N PHE D 97 -33.76 -1.85 -15.03
CA PHE D 97 -32.75 -2.05 -13.99
C PHE D 97 -33.43 -2.31 -12.65
N TYR D 98 -32.63 -2.67 -11.65
CA TYR D 98 -33.15 -2.90 -10.30
C TYR D 98 -33.94 -1.69 -9.81
N LYS D 99 -35.06 -1.96 -9.16
CA LYS D 99 -35.90 -0.93 -8.57
C LYS D 99 -35.20 -0.19 -7.44
N ASN D 100 -34.42 -0.91 -6.66
CA ASN D 100 -33.92 -0.36 -5.39
C ASN D 100 -32.56 0.33 -5.48
N LEU D 101 -31.96 0.31 -6.66
CA LEU D 101 -30.66 0.93 -6.91
C LEU D 101 -30.74 1.84 -8.12
N ILE D 102 -29.81 2.78 -8.21
CA ILE D 102 -29.67 3.62 -9.39
C ILE D 102 -28.25 3.53 -9.96
N TRP D 103 -28.16 3.20 -11.24
CA TRP D 103 -26.89 3.13 -11.94
C TRP D 103 -26.52 4.53 -12.42
N LEU D 104 -25.78 5.27 -11.60
CA LEU D 104 -25.33 6.61 -11.96
C LEU D 104 -24.25 6.65 -13.02
N VAL D 105 -24.48 7.45 -14.03
CA VAL D 105 -23.44 7.64 -15.02
C VAL D 105 -23.11 9.13 -15.16
N LYS D 106 -22.10 9.44 -15.98
CA LYS D 106 -21.66 10.82 -16.12
C LYS D 106 -22.73 11.72 -16.74
N LYS D 107 -22.67 12.99 -16.40
CA LYS D 107 -23.54 14.00 -16.98
C LYS D 107 -22.68 14.78 -17.96
N GLY D 108 -22.99 14.64 -19.25
CA GLY D 108 -22.14 15.21 -20.28
C GLY D 108 -20.81 14.50 -20.30
N ASN D 109 -19.71 15.22 -20.14
CA ASN D 109 -18.41 14.59 -20.07
C ASN D 109 -17.76 14.76 -18.69
N SER D 110 -18.54 14.84 -17.64
CA SER D 110 -17.99 14.99 -16.31
C SER D 110 -18.68 14.10 -15.29
N TYR D 111 -17.88 13.51 -14.41
CA TYR D 111 -18.40 12.74 -13.29
C TYR D 111 -17.69 13.26 -12.04
N PRO D 112 -18.32 14.22 -11.35
CA PRO D 112 -17.74 14.85 -10.17
C PRO D 112 -17.62 13.85 -9.05
N LYS D 113 -16.72 14.10 -8.10
CA LYS D 113 -16.64 13.27 -6.91
C LYS D 113 -18.00 13.30 -6.24
N LEU D 114 -18.55 12.15 -5.95
CA LEU D 114 -19.84 12.10 -5.34
C LEU D 114 -19.65 11.87 -3.84
N SER D 115 -20.52 12.45 -3.05
CA SER D 115 -20.49 12.31 -1.62
C SER D 115 -21.89 12.46 -1.02
N LYS D 116 -22.32 11.40 -0.42
CA LYS D 116 -23.69 11.36 0.09
C LYS D 116 -23.74 10.57 1.37
N SER D 117 -24.44 11.09 2.37
N SER D 117 -24.45 11.09 2.38
CA SER D 117 -24.53 10.42 3.66
CA SER D 117 -24.54 10.43 3.66
C SER D 117 -25.98 10.26 4.12
C SER D 117 -25.99 10.22 4.07
N TYR D 118 -26.21 9.26 4.96
CA TYR D 118 -27.53 9.03 5.52
C TYR D 118 -27.38 8.73 7.00
N ILE D 119 -28.13 9.44 7.82
CA ILE D 119 -28.15 9.17 9.24
C ILE D 119 -29.39 8.35 9.56
N ASN D 120 -29.21 7.24 10.28
CA ASN D 120 -30.32 6.38 10.62
C ASN D 120 -31.19 6.98 11.72
N ASP D 121 -32.31 7.55 11.33
CA ASP D 121 -33.26 8.13 12.28
C ASP D 121 -34.53 7.31 12.36
N LYS D 122 -34.41 6.00 12.13
CA LYS D 122 -35.57 5.12 12.06
C LYS D 122 -35.87 4.42 13.37
N GLY D 123 -34.95 4.48 14.32
CA GLY D 123 -35.13 3.81 15.60
C GLY D 123 -34.91 2.32 15.54
N LYS D 124 -34.58 1.81 14.35
CA LYS D 124 -34.24 0.44 14.11
C LYS D 124 -33.15 0.22 13.06
N GLU D 125 -32.54 -0.95 13.01
CA GLU D 125 -31.51 -1.22 12.02
C GLU D 125 -31.99 -0.94 10.61
N VAL D 126 -31.11 -0.36 9.80
CA VAL D 126 -31.43 -0.12 8.40
C VAL D 126 -30.48 -0.93 7.52
N LEU D 127 -31.07 -1.69 6.60
CA LEU D 127 -30.32 -2.49 5.64
C LEU D 127 -30.12 -1.66 4.38
N VAL D 128 -28.86 -1.42 4.01
CA VAL D 128 -28.55 -0.64 2.84
C VAL D 128 -27.75 -1.49 1.87
N LEU D 129 -28.15 -1.47 0.60
CA LEU D 129 -27.47 -2.23 -0.43
C LEU D 129 -26.99 -1.30 -1.54
N TRP D 130 -25.88 -1.68 -2.17
CA TRP D 130 -25.35 -0.92 -3.30
C TRP D 130 -24.59 -1.87 -4.21
N GLY D 131 -24.23 -1.40 -5.39
CA GLY D 131 -23.43 -2.20 -6.30
C GLY D 131 -22.17 -1.49 -6.75
N ILE D 132 -21.19 -2.28 -7.17
CA ILE D 132 -19.99 -1.73 -7.79
C ILE D 132 -19.93 -2.27 -9.22
N HIS D 133 -19.84 -1.38 -10.20
CA HIS D 133 -19.81 -1.83 -11.60
C HIS D 133 -18.39 -1.99 -12.12
N HIS D 134 -18.13 -3.14 -12.76
CA HIS D 134 -16.83 -3.43 -13.35
C HIS D 134 -16.99 -3.52 -14.86
N PRO D 135 -16.65 -2.44 -15.58
CA PRO D 135 -16.85 -2.43 -17.03
C PRO D 135 -15.98 -3.45 -17.74
N SER D 136 -16.33 -3.78 -18.97
CA SER D 136 -15.60 -4.77 -19.74
C SER D 136 -14.32 -4.20 -20.35
N THR D 137 -14.33 -2.91 -20.67
CA THR D 137 -13.21 -2.28 -21.35
C THR D 137 -12.93 -0.89 -20.81
N SER D 138 -11.71 -0.40 -21.02
CA SER D 138 -11.36 0.96 -20.59
C SER D 138 -12.20 2.00 -21.34
N ALA D 139 -12.56 1.70 -22.57
CA ALA D 139 -13.44 2.57 -23.34
C ALA D 139 -14.82 2.68 -22.69
N ASP D 140 -15.37 1.55 -22.26
CA ASP D 140 -16.66 1.54 -21.55
C ASP D 140 -16.57 2.31 -20.23
N GLN D 141 -15.45 2.16 -19.53
CA GLN D 141 -15.22 2.89 -18.29
C GLN D 141 -15.32 4.39 -18.54
N GLN D 142 -14.66 4.86 -19.58
CA GLN D 142 -14.67 6.28 -19.90
C GLN D 142 -16.05 6.74 -20.37
N SER D 143 -16.68 5.95 -21.18
CA SER D 143 -18.00 6.29 -21.65
C SER D 143 -19.04 6.41 -20.58
N LEU D 144 -18.92 5.61 -19.52
CA LEU D 144 -19.89 5.66 -18.42
C LEU D 144 -19.53 6.69 -17.36
N TYR D 145 -18.26 6.74 -16.99
CA TYR D 145 -17.86 7.54 -15.81
C TYR D 145 -16.95 8.71 -16.18
N GLN D 146 -16.25 8.59 -17.31
CA GLN D 146 -15.34 9.64 -17.78
C GLN D 146 -13.96 9.62 -17.12
N ASN D 147 -13.91 9.11 -15.90
CA ASN D 147 -12.68 9.09 -15.11
C ASN D 147 -12.11 7.69 -15.33
N ALA D 148 -10.80 7.62 -15.58
CA ALA D 148 -10.15 6.35 -15.89
C ALA D 148 -9.81 5.52 -14.65
N ASP D 149 -9.28 6.17 -13.62
CA ASP D 149 -8.87 5.48 -12.41
C ASP D 149 -9.74 5.92 -11.24
N THR D 150 -10.75 5.11 -10.93
CA THR D 150 -11.76 5.53 -9.96
C THR D 150 -11.74 4.70 -8.68
N TYR D 151 -12.51 5.14 -7.69
CA TYR D 151 -12.67 4.38 -6.46
C TYR D 151 -14.07 4.65 -5.90
N VAL D 152 -14.48 3.78 -4.98
CA VAL D 152 -15.70 3.97 -4.21
C VAL D 152 -15.33 3.72 -2.77
N PHE D 153 -15.83 4.54 -1.86
CA PHE D 153 -15.64 4.29 -0.45
C PHE D 153 -16.99 4.32 0.25
N VAL D 154 -17.21 3.34 1.11
CA VAL D 154 -18.44 3.28 1.90
C VAL D 154 -18.04 3.09 3.35
N GLY D 155 -18.56 3.93 4.23
CA GLY D 155 -18.15 3.84 5.63
C GLY D 155 -19.24 4.21 6.62
N SER D 156 -19.18 3.58 7.78
CA SER D 156 -20.03 3.93 8.91
C SER D 156 -19.19 3.72 10.16
N SER D 157 -19.82 3.79 11.33
CA SER D 157 -19.10 3.54 12.57
C SER D 157 -18.62 2.09 12.70
N ARG D 158 -19.21 1.22 11.93
CA ARG D 158 -19.03 -0.19 12.03
C ARG D 158 -18.51 -0.78 10.75
N TYR D 159 -18.47 0.00 9.71
CA TYR D 159 -18.13 -0.50 8.38
C TYR D 159 -17.20 0.46 7.66
N SER D 160 -16.24 -0.10 6.93
CA SER D 160 -15.30 0.72 6.17
C SER D 160 -14.69 -0.09 5.04
N LYS D 161 -14.89 0.33 3.81
CA LYS D 161 -14.38 -0.38 2.70
C LYS D 161 -14.14 0.48 1.49
N LYS D 162 -13.01 0.28 0.82
CA LYS D 162 -12.69 1.00 -0.41
C LYS D 162 -12.75 0.02 -1.57
N PHE D 163 -13.40 0.43 -2.66
CA PHE D 163 -13.59 -0.45 -3.81
C PHE D 163 -12.87 0.10 -5.04
N LYS D 164 -12.21 -0.76 -5.80
CA LYS D 164 -11.64 -0.42 -7.07
C LYS D 164 -12.22 -1.31 -8.18
N PRO D 165 -12.75 -0.71 -9.23
CA PRO D 165 -13.23 -1.49 -10.36
C PRO D 165 -12.16 -2.23 -11.05
N GLU D 166 -12.53 -3.39 -11.52
CA GLU D 166 -11.65 -4.17 -12.28
C GLU D 166 -12.17 -4.28 -13.70
N ILE D 167 -11.54 -3.55 -14.60
CA ILE D 167 -11.96 -3.50 -15.99
C ILE D 167 -11.41 -4.71 -16.73
N ALA D 168 -12.31 -5.51 -17.29
CA ALA D 168 -11.93 -6.76 -17.94
C ALA D 168 -13.10 -7.40 -18.68
N ILE D 169 -12.77 -8.14 -19.73
CA ILE D 169 -13.78 -8.87 -20.51
C ILE D 169 -14.04 -10.25 -19.91
N ARG D 170 -15.16 -10.36 -19.19
CA ARG D 170 -15.60 -11.64 -18.67
C ARG D 170 -16.41 -12.39 -19.72
N PRO D 171 -16.64 -13.70 -19.52
CA PRO D 171 -17.51 -14.43 -20.45
C PRO D 171 -18.87 -13.77 -20.53
N LYS D 172 -19.43 -13.72 -21.73
CA LYS D 172 -20.68 -13.01 -21.96
C LYS D 172 -21.85 -13.71 -21.29
N VAL D 173 -22.53 -13.01 -20.39
CA VAL D 173 -23.69 -13.54 -19.69
C VAL D 173 -24.84 -12.54 -19.82
N ARG D 174 -25.96 -13.00 -20.35
CA ARG D 174 -27.05 -12.10 -20.70
C ARG D 174 -26.52 -10.91 -21.48
N ASP D 175 -25.58 -11.21 -22.39
CA ASP D 175 -24.97 -10.23 -23.29
C ASP D 175 -24.04 -9.22 -22.61
N GLN D 176 -23.67 -9.50 -21.36
CA GLN D 176 -22.78 -8.60 -20.65
C GLN D 176 -21.41 -9.22 -20.44
N GLU D 177 -20.36 -8.48 -20.81
CA GLU D 177 -18.99 -8.92 -20.53
C GLU D 177 -18.45 -8.19 -19.30
N GLY D 178 -19.19 -7.18 -18.85
CA GLY D 178 -18.88 -6.51 -17.59
C GLY D 178 -19.53 -7.25 -16.45
N ARG D 179 -19.28 -6.81 -15.22
CA ARG D 179 -19.88 -7.43 -14.05
C ARG D 179 -20.31 -6.37 -13.03
N MET D 180 -21.25 -6.75 -12.16
CA MET D 180 -21.68 -5.87 -11.07
C MET D 180 -21.70 -6.69 -9.78
N ASN D 181 -20.94 -6.27 -8.77
CA ASN D 181 -21.00 -6.92 -7.46
C ASN D 181 -21.97 -6.19 -6.55
N TYR D 182 -22.66 -6.94 -5.70
CA TYR D 182 -23.68 -6.36 -4.83
C TYR D 182 -23.28 -6.49 -3.36
N TYR D 183 -23.34 -5.37 -2.64
CA TYR D 183 -22.90 -5.30 -1.26
C TYR D 183 -24.01 -4.77 -0.37
N TRP D 184 -23.90 -5.02 0.93
CA TRP D 184 -24.87 -4.50 1.88
C TRP D 184 -24.26 -4.37 3.26
N THR D 185 -24.91 -3.60 4.11
CA THR D 185 -24.50 -3.53 5.50
C THR D 185 -25.69 -3.07 6.33
N LEU D 186 -25.59 -3.24 7.64
CA LEU D 186 -26.63 -2.79 8.54
C LEU D 186 -26.16 -1.54 9.27
N VAL D 187 -26.99 -0.51 9.24
CA VAL D 187 -26.64 0.74 9.90
C VAL D 187 -27.42 0.85 11.20
N GLU D 188 -26.70 0.96 12.31
CA GLU D 188 -27.32 1.04 13.63
C GLU D 188 -28.07 2.35 13.82
N PRO D 189 -29.13 2.31 14.63
CA PRO D 189 -29.84 3.54 14.98
C PRO D 189 -28.86 4.64 15.43
N GLY D 190 -28.94 5.80 14.79
CA GLY D 190 -28.14 6.94 15.17
C GLY D 190 -26.82 7.03 14.43
N ASP D 191 -26.45 5.96 13.73
CA ASP D 191 -25.18 5.94 13.01
C ASP D 191 -25.34 6.57 11.63
N LYS D 192 -24.22 6.90 11.01
CA LYS D 192 -24.22 7.54 9.70
C LYS D 192 -23.43 6.69 8.72
N ILE D 193 -23.99 6.49 7.53
CA ILE D 193 -23.27 5.81 6.47
C ILE D 193 -22.96 6.81 5.38
N THR D 194 -21.72 6.78 4.88
CA THR D 194 -21.29 7.72 3.86
C THR D 194 -20.85 6.98 2.60
N PHE D 195 -21.23 7.53 1.45
CA PHE D 195 -20.82 6.99 0.16
C PHE D 195 -19.97 8.03 -0.55
N GLU D 196 -18.85 7.61 -1.08
CA GLU D 196 -18.12 8.47 -1.97
C GLU D 196 -17.55 7.74 -3.16
N ALA D 197 -17.49 8.42 -4.26
CA ALA D 197 -17.09 7.75 -5.50
C ALA D 197 -16.66 8.72 -6.58
N THR D 198 -15.72 8.29 -7.41
CA THR D 198 -15.35 9.01 -8.61
C THR D 198 -15.81 8.22 -9.84
N GLY D 199 -16.59 7.18 -9.60
CA GLY D 199 -17.18 6.38 -10.65
C GLY D 199 -17.64 5.02 -10.15
N ASN D 200 -18.39 4.30 -10.98
CA ASN D 200 -18.65 2.87 -10.79
C ASN D 200 -19.55 2.50 -9.61
N LEU D 201 -20.24 3.48 -9.04
CA LEU D 201 -21.11 3.20 -7.91
C LEU D 201 -22.55 3.09 -8.35
N VAL D 202 -23.15 1.95 -8.08
CA VAL D 202 -24.59 1.77 -8.26
C VAL D 202 -25.20 2.12 -6.91
N VAL D 203 -25.75 3.34 -6.81
CA VAL D 203 -26.16 3.89 -5.53
C VAL D 203 -27.46 3.31 -4.98
N PRO D 204 -27.61 3.31 -3.66
CA PRO D 204 -28.90 2.93 -3.10
C PRO D 204 -29.97 3.93 -3.54
N ARG D 205 -31.15 3.45 -3.76
CA ARG D 205 -32.29 4.29 -3.87
C ARG D 205 -33.32 3.98 -2.80
N TYR D 206 -33.66 2.71 -2.67
CA TYR D 206 -34.48 2.24 -1.56
C TYR D 206 -33.66 1.38 -0.62
N ALA D 207 -33.88 1.55 0.68
CA ALA D 207 -33.27 0.72 1.70
C ALA D 207 -34.38 0.18 2.60
N PHE D 208 -34.00 -0.57 3.64
CA PHE D 208 -34.99 -1.25 4.46
C PHE D 208 -34.74 -1.06 5.95
N ALA D 209 -35.80 -0.70 6.68
CA ALA D 209 -35.71 -0.62 8.13
C ALA D 209 -36.36 -1.87 8.70
N MET D 210 -35.71 -2.50 9.68
CA MET D 210 -36.23 -3.75 10.20
C MET D 210 -35.87 -4.05 11.65
N GLU D 211 -36.64 -4.96 12.24
CA GLU D 211 -36.31 -5.56 13.53
C GLU D 211 -36.38 -7.06 13.37
N ARG D 212 -35.54 -7.79 14.10
CA ARG D 212 -35.52 -9.23 13.97
C ARG D 212 -36.27 -9.91 15.12
N ASN D 213 -36.93 -11.02 14.80
CA ASN D 213 -37.70 -11.78 15.77
C ASN D 213 -36.84 -12.41 16.87
N ALA D 214 -37.30 -12.29 18.11
CA ALA D 214 -36.62 -12.89 19.25
C ALA D 214 -35.10 -12.69 19.18
C1 TAU E . -7.96 -19.78 0.91
C2 TAU E . -8.31 -18.38 1.28
N1 TAU E . -6.91 -20.43 1.66
S TAU E . -9.70 -17.48 0.67
O1 TAU E . -9.64 -17.21 -0.66
O2 TAU E . -10.88 -18.12 1.00
O3 TAU E . -9.70 -16.33 1.43
C1 TAU F . 9.15 20.68 -0.54
C2 TAU F . 10.58 20.83 -0.22
N1 TAU F . 8.36 21.84 -0.77
S TAU F . 11.58 19.41 0.16
O1 TAU F . 11.48 18.41 -0.77
O2 TAU F . 12.89 19.78 0.14
O3 TAU F . 11.28 18.94 1.38
#